data_9LSK
#
_entry.id   9LSK
#
_cell.length_a   1.00
_cell.length_b   1.00
_cell.length_c   1.00
_cell.angle_alpha   90.00
_cell.angle_beta   90.00
_cell.angle_gamma   90.00
#
_symmetry.space_group_name_H-M   'P 1'
#
loop_
_entity.id
_entity.type
_entity.pdbx_description
1 polymer 'Citrate/sodium symporter'
2 non-polymer 'CITRIC ACID'
3 non-polymer 'PALMITIC ACID'
#
_entity_poly.entity_id   1
_entity_poly.type   'polypeptide(L)'
_entity_poly.pdbx_seq_one_letter_code
;MTNMSQPPATEKKGVSDLLGFKIFGMPLPLYAFALITLLLSHFYNALPTDIVGGFAIMFIIGAIFGEIGKRLPIFNKYIG
GAPVMIFLVAAYFVYAGIFTQKEIDAISNVMDKSNFLNLFIAVLITGAILSVNRRLLLKSLLGYIPTILMGIVGASIFGI
AIGLVFGIPVDRIMMLYVLPIMGGGNGAGAVPLSEIYHSVTGRSREEYYSTAIAILTIANIFAIVFAAVLDIIGKKHTWL
SGEGELVRKASFKVEEDEKTGQITHRETAVGLVLSTTCFLLAYVVAKKILPSIGGVAIHYFAWMVLIVAALNASGLCSPE
IKAGAKRLSDFFSKQLLWVLMVGVGVCYTDLQEIINAITFANVVIAAIIVIGAVLGAAIGGWLMGFFPIESAITAGLCMA
NRGGSGDLEVLSACNRMNLISYAQISSRLGGGIVLVIASIVFGMMI
;
_entity_poly.pdbx_strand_id   A,B
#
# COMPACT_ATOMS: atom_id res chain seq x y z
N LEU A 18 -8.51 14.68 -28.87
CA LEU A 18 -7.96 15.28 -27.66
C LEU A 18 -8.32 14.47 -26.43
N LEU A 19 -9.57 13.99 -26.38
CA LEU A 19 -10.04 13.21 -25.25
C LEU A 19 -9.31 11.88 -25.12
N GLY A 20 -8.62 11.42 -26.16
CA GLY A 20 -7.83 10.22 -26.05
C GLY A 20 -6.53 10.37 -25.30
N PHE A 21 -6.15 11.61 -24.97
CA PHE A 21 -4.96 11.84 -24.16
C PHE A 21 -5.13 11.22 -22.78
N LYS A 22 -4.05 10.64 -22.27
CA LYS A 22 -4.07 9.92 -21.01
C LYS A 22 -3.19 10.65 -20.00
N ILE A 23 -3.74 10.87 -18.80
CA ILE A 23 -3.00 11.46 -17.69
C ILE A 23 -2.90 10.40 -16.61
N PHE A 24 -1.67 9.93 -16.35
CA PHE A 24 -1.42 8.86 -15.40
C PHE A 24 -2.27 7.63 -15.70
N GLY A 25 -2.39 7.31 -16.99
CA GLY A 25 -3.18 6.18 -17.41
C GLY A 25 -4.67 6.37 -17.33
N MET A 26 -5.13 7.59 -17.04
CA MET A 26 -6.56 7.88 -16.94
C MET A 26 -7.00 8.67 -18.15
N PRO A 27 -8.17 8.36 -18.72
CA PRO A 27 -8.72 9.21 -19.78
C PRO A 27 -9.02 10.60 -19.25
N LEU A 28 -8.98 11.58 -20.15
CA LEU A 28 -9.09 12.97 -19.73
C LEU A 28 -10.37 13.28 -18.96
N PRO A 29 -11.56 12.80 -19.34
CA PRO A 29 -12.73 13.06 -18.49
C PRO A 29 -12.61 12.49 -17.08
N LEU A 30 -12.00 11.32 -16.93
CA LEU A 30 -11.85 10.74 -15.59
C LEU A 30 -10.92 11.60 -14.74
N TYR A 31 -9.81 12.06 -15.31
CA TYR A 31 -8.94 12.95 -14.55
C TYR A 31 -9.61 14.29 -14.28
N ALA A 32 -10.49 14.73 -15.18
CA ALA A 32 -11.27 15.93 -14.91
C ALA A 32 -12.15 15.73 -13.69
N PHE A 33 -12.78 14.55 -13.59
CA PHE A 33 -13.58 14.25 -12.40
C PHE A 33 -12.73 14.25 -11.15
N ALA A 34 -11.54 13.64 -11.22
CA ALA A 34 -10.66 13.62 -10.04
C ALA A 34 -10.23 15.03 -9.65
N LEU A 35 -9.90 15.87 -10.63
CA LEU A 35 -9.48 17.23 -10.35
C LEU A 35 -10.64 18.05 -9.78
N ILE A 36 -11.85 17.80 -10.26
CA ILE A 36 -13.02 18.47 -9.67
C ILE A 36 -13.19 18.07 -8.22
N THR A 37 -12.98 16.79 -7.92
CA THR A 37 -13.03 16.34 -6.52
C THR A 37 -11.99 17.07 -5.67
N LEU A 38 -10.76 17.14 -6.18
CA LEU A 38 -9.70 17.81 -5.42
C LEU A 38 -10.01 19.28 -5.21
N LEU A 39 -10.49 19.97 -6.25
CA LEU A 39 -10.82 21.38 -6.12
C LEU A 39 -11.98 21.59 -5.15
N LEU A 40 -12.99 20.72 -5.19
CA LEU A 40 -14.09 20.83 -4.25
C LEU A 40 -13.60 20.66 -2.82
N SER A 41 -12.74 19.68 -2.58
CA SER A 41 -12.20 19.50 -1.23
C SER A 41 -11.41 20.71 -0.79
N HIS A 42 -10.56 21.25 -1.67
CA HIS A 42 -9.75 22.41 -1.31
C HIS A 42 -10.61 23.63 -1.00
N PHE A 43 -11.64 23.86 -1.81
CA PHE A 43 -12.46 25.06 -1.63
C PHE A 43 -13.43 24.93 -0.46
N TYR A 44 -13.89 23.73 -0.15
CA TYR A 44 -14.76 23.54 1.00
C TYR A 44 -13.99 23.28 2.29
N ASN A 45 -12.67 23.15 2.22
CA ASN A 45 -11.83 22.97 3.40
C ASN A 45 -12.24 21.74 4.20
N ALA A 46 -12.56 20.66 3.49
CA ALA A 46 -12.89 19.39 4.11
C ALA A 46 -11.96 18.33 3.56
N LEU A 47 -11.22 17.66 4.43
CA LEU A 47 -10.26 16.65 4.01
C LEU A 47 -9.86 15.79 5.20
N PRO A 48 -9.90 14.47 5.06
CA PRO A 48 -9.46 13.60 6.17
C PRO A 48 -7.96 13.62 6.34
N THR A 49 -7.48 14.15 7.47
CA THR A 49 -6.04 14.25 7.73
C THR A 49 -5.50 12.86 8.10
N ASP A 50 -5.54 11.97 7.12
CA ASP A 50 -5.01 10.62 7.27
C ASP A 50 -4.46 10.16 5.93
N ILE A 51 -4.15 8.87 5.84
CA ILE A 51 -3.49 8.37 4.63
C ILE A 51 -4.42 8.45 3.43
N VAL A 52 -5.73 8.34 3.64
CA VAL A 52 -6.66 8.40 2.52
C VAL A 52 -6.67 9.81 1.92
N GLY A 53 -6.80 10.83 2.75
CA GLY A 53 -6.71 12.19 2.24
C GLY A 53 -5.37 12.49 1.62
N GLY A 54 -4.30 12.00 2.25
CA GLY A 54 -2.98 12.22 1.69
C GLY A 54 -2.83 11.65 0.29
N PHE A 55 -3.22 10.38 0.11
CA PHE A 55 -3.16 9.80 -1.22
C PHE A 55 -4.08 10.51 -2.19
N ALA A 56 -5.27 10.92 -1.73
CA ALA A 56 -6.21 11.59 -2.63
C ALA A 56 -5.61 12.87 -3.20
N ILE A 57 -4.95 13.65 -2.35
CA ILE A 57 -4.31 14.89 -2.84
C ILE A 57 -3.11 14.55 -3.72
N MET A 58 -2.24 13.65 -3.22
CA MET A 58 -0.93 13.48 -3.82
C MET A 58 -1.00 12.74 -5.15
N PHE A 59 -1.89 11.76 -5.28
CA PHE A 59 -2.03 11.07 -6.55
C PHE A 59 -2.39 12.04 -7.66
N ILE A 60 -3.39 12.91 -7.41
CA ILE A 60 -3.84 13.83 -8.44
C ILE A 60 -2.77 14.86 -8.78
N ILE A 61 -2.18 15.46 -7.74
CA ILE A 61 -1.17 16.50 -7.98
C ILE A 61 0.04 15.92 -8.71
N GLY A 62 0.51 14.75 -8.25
CA GLY A 62 1.61 14.10 -8.92
C GLY A 62 1.29 13.75 -10.35
N ALA A 63 0.08 13.25 -10.60
CA ALA A 63 -0.29 12.90 -11.97
C ALA A 63 -0.19 14.12 -12.88
N ILE A 64 -0.85 15.21 -12.51
CA ILE A 64 -0.89 16.36 -13.41
C ILE A 64 0.52 16.94 -13.59
N PHE A 65 1.26 17.13 -12.50
CA PHE A 65 2.53 17.82 -12.65
C PHE A 65 3.62 16.93 -13.24
N GLY A 66 3.57 15.63 -12.97
CA GLY A 66 4.49 14.72 -13.65
C GLY A 66 4.22 14.65 -15.14
N GLU A 67 2.93 14.66 -15.53
CA GLU A 67 2.64 14.70 -16.96
C GLU A 67 3.16 15.97 -17.59
N ILE A 68 2.98 17.12 -16.92
CA ILE A 68 3.48 18.38 -17.46
C ILE A 68 5.00 18.34 -17.60
N GLY A 69 5.68 17.86 -16.56
CA GLY A 69 7.14 17.80 -16.60
C GLY A 69 7.66 16.83 -17.65
N LYS A 70 6.95 15.72 -17.85
CA LYS A 70 7.36 14.75 -18.85
C LYS A 70 7.07 15.22 -20.27
N ARG A 71 6.06 16.07 -20.46
CA ARG A 71 5.79 16.60 -21.78
C ARG A 71 6.68 17.79 -22.13
N LEU A 72 7.07 18.61 -21.16
CA LEU A 72 7.85 19.80 -21.49
C LEU A 72 9.21 19.36 -22.01
N PRO A 73 9.62 19.80 -23.21
CA PRO A 73 10.73 19.14 -23.92
C PRO A 73 12.09 19.19 -23.23
N ILE A 74 12.59 20.39 -22.94
CA ILE A 74 13.94 20.51 -22.42
C ILE A 74 14.03 19.96 -21.01
N PHE A 75 13.02 20.24 -20.19
CA PHE A 75 12.97 19.69 -18.83
C PHE A 75 13.00 18.18 -18.88
N ASN A 76 12.14 17.57 -19.69
CA ASN A 76 12.08 16.12 -19.80
C ASN A 76 13.41 15.56 -20.27
N LYS A 77 14.02 16.19 -21.27
CA LYS A 77 15.23 15.63 -21.86
C LYS A 77 16.41 15.70 -20.90
N TYR A 78 16.62 16.83 -20.23
CA TYR A 78 17.85 17.02 -19.48
C TYR A 78 17.64 17.27 -17.99
N ILE A 79 16.64 18.05 -17.60
CA ILE A 79 16.55 18.47 -16.20
C ILE A 79 16.23 17.32 -15.27
N GLY A 80 15.40 16.38 -15.69
CA GLY A 80 15.05 15.28 -14.81
C GLY A 80 13.61 14.84 -14.95
N GLY A 81 12.77 15.74 -15.46
CA GLY A 81 11.41 15.37 -15.81
C GLY A 81 10.44 15.29 -14.65
N ALA A 82 9.73 14.16 -14.57
CA ALA A 82 8.58 14.06 -13.68
C ALA A 82 8.91 14.25 -12.21
N PRO A 83 9.89 13.54 -11.62
CA PRO A 83 10.09 13.71 -10.17
C PRO A 83 10.58 15.09 -9.79
N VAL A 84 11.55 15.64 -10.53
CA VAL A 84 12.06 16.96 -10.22
C VAL A 84 10.97 18.00 -10.36
N MET A 85 10.22 17.95 -11.46
CA MET A 85 9.13 18.90 -11.66
C MET A 85 8.10 18.77 -10.56
N ILE A 86 7.73 17.55 -10.20
CA ILE A 86 6.69 17.35 -9.20
C ILE A 86 7.11 17.93 -7.86
N PHE A 87 8.31 17.60 -7.39
CA PHE A 87 8.66 18.05 -6.05
C PHE A 87 8.94 19.56 -6.03
N LEU A 88 9.51 20.10 -7.11
CA LEU A 88 9.70 21.55 -7.16
C LEU A 88 8.37 22.28 -7.14
N VAL A 89 7.39 21.81 -7.91
CA VAL A 89 6.11 22.50 -7.96
C VAL A 89 5.36 22.34 -6.65
N ALA A 90 5.43 21.16 -6.03
CA ALA A 90 4.77 20.96 -4.74
C ALA A 90 5.38 21.86 -3.67
N ALA A 91 6.71 21.98 -3.66
CA ALA A 91 7.35 22.86 -2.69
C ALA A 91 7.00 24.31 -2.95
N TYR A 92 6.89 24.70 -4.23
CA TYR A 92 6.47 26.06 -4.53
C TYR A 92 5.03 26.30 -4.07
N PHE A 93 4.17 25.29 -4.21
CA PHE A 93 2.81 25.40 -3.72
C PHE A 93 2.79 25.61 -2.21
N VAL A 94 3.63 24.87 -1.50
CA VAL A 94 3.73 25.04 -0.05
C VAL A 94 4.21 26.45 0.29
N TYR A 95 5.22 26.94 -0.44
CA TYR A 95 5.75 28.27 -0.17
C TYR A 95 4.71 29.35 -0.43
N ALA A 96 3.97 29.25 -1.53
CA ALA A 96 3.07 30.31 -1.96
C ALA A 96 1.76 30.34 -1.17
N GLY A 97 1.54 29.39 -0.28
CA GLY A 97 0.30 29.35 0.47
C GLY A 97 -0.88 28.80 -0.28
N ILE A 98 -0.67 28.21 -1.46
CA ILE A 98 -1.76 27.60 -2.20
C ILE A 98 -2.32 26.42 -1.42
N PHE A 99 -1.45 25.60 -0.84
CA PHE A 99 -1.91 24.46 -0.05
C PHE A 99 -2.60 24.95 1.22
N THR A 100 -3.75 24.34 1.52
CA THR A 100 -4.42 24.59 2.78
C THR A 100 -3.68 23.88 3.90
N GLN A 101 -3.78 24.44 5.11
CA GLN A 101 -3.17 23.82 6.28
C GLN A 101 -3.63 22.38 6.43
N LYS A 102 -4.88 22.08 6.09
CA LYS A 102 -5.36 20.70 6.19
C LYS A 102 -4.62 19.78 5.22
N GLU A 103 -4.40 20.22 3.98
CA GLU A 103 -3.66 19.39 3.04
C GLU A 103 -2.21 19.22 3.48
N ILE A 104 -1.59 20.30 3.96
CA ILE A 104 -0.22 20.18 4.44
C ILE A 104 -0.14 19.19 5.60
N ASP A 105 -1.11 19.26 6.51
CA ASP A 105 -1.14 18.32 7.63
C ASP A 105 -1.34 16.89 7.15
N ALA A 106 -2.20 16.69 6.16
CA ALA A 106 -2.43 15.34 5.65
C ALA A 106 -1.17 14.75 5.03
N ILE A 107 -0.46 15.55 4.22
CA ILE A 107 0.76 15.06 3.60
C ILE A 107 1.85 14.82 4.63
N SER A 108 2.00 15.73 5.59
CA SER A 108 2.98 15.54 6.64
C SER A 108 2.65 14.36 7.53
N ASN A 109 1.37 14.01 7.67
CA ASN A 109 0.99 12.82 8.41
C ASN A 109 1.27 11.56 7.59
N VAL A 110 1.10 11.65 6.27
CA VAL A 110 1.36 10.50 5.42
C VAL A 110 2.84 10.14 5.43
N MET A 111 3.72 11.13 5.33
CA MET A 111 5.15 10.84 5.25
C MET A 111 5.96 11.26 6.47
N ASP A 112 5.32 11.58 7.60
CA ASP A 112 6.05 11.79 8.83
C ASP A 112 5.61 10.83 9.93
N LYS A 113 4.30 10.79 10.23
CA LYS A 113 3.82 9.87 11.24
C LYS A 113 3.76 8.45 10.70
N SER A 114 3.30 8.28 9.45
CA SER A 114 3.20 6.96 8.86
C SER A 114 4.53 6.46 8.30
N ASN A 115 5.46 7.36 7.97
CA ASN A 115 6.78 7.01 7.46
C ASN A 115 6.69 6.18 6.17
N PHE A 116 5.78 6.60 5.29
CA PHE A 116 5.68 6.00 3.97
C PHE A 116 6.99 6.12 3.21
N LEU A 117 7.80 7.13 3.54
CA LEU A 117 9.11 7.27 2.89
C LEU A 117 9.99 6.07 3.20
N ASN A 118 10.10 5.70 4.48
CA ASN A 118 10.90 4.52 4.81
C ASN A 118 10.27 3.25 4.29
N LEU A 119 8.93 3.18 4.23
CA LEU A 119 8.32 2.00 3.62
C LEU A 119 8.73 1.87 2.15
N PHE A 120 8.67 2.98 1.41
CA PHE A 120 9.06 2.98 0.00
C PHE A 120 10.52 2.61 -0.17
N ILE A 121 11.39 3.18 0.66
CA ILE A 121 12.81 2.91 0.54
C ILE A 121 13.10 1.45 0.84
N ALA A 122 12.46 0.89 1.86
CA ALA A 122 12.67 -0.52 2.19
C ALA A 122 12.22 -1.41 1.04
N VAL A 123 11.05 -1.13 0.46
CA VAL A 123 10.58 -1.93 -0.66
C VAL A 123 11.56 -1.87 -1.82
N LEU A 124 12.05 -0.66 -2.15
CA LEU A 124 13.00 -0.52 -3.25
C LEU A 124 14.29 -1.27 -2.97
N ILE A 125 14.81 -1.17 -1.74
CA ILE A 125 16.07 -1.84 -1.40
C ILE A 125 15.92 -3.35 -1.58
N THR A 126 14.87 -3.92 -0.98
CA THR A 126 14.73 -5.37 -1.03
C THR A 126 14.45 -5.84 -2.46
N GLY A 127 13.71 -5.06 -3.24
CA GLY A 127 13.48 -5.46 -4.62
C GLY A 127 14.77 -5.45 -5.43
N ALA A 128 15.55 -4.38 -5.30
CA ALA A 128 16.78 -4.26 -6.06
C ALA A 128 17.79 -5.34 -5.68
N ILE A 129 17.83 -5.73 -4.42
CA ILE A 129 18.82 -6.72 -4.00
C ILE A 129 18.34 -8.15 -4.28
N LEU A 130 17.10 -8.48 -3.95
CA LEU A 130 16.61 -9.84 -4.15
C LEU A 130 16.33 -10.15 -5.62
N SER A 131 16.19 -9.12 -6.46
CA SER A 131 15.84 -9.36 -7.85
C SER A 131 16.89 -10.21 -8.57
N VAL A 132 18.17 -9.94 -8.32
CA VAL A 132 19.24 -10.59 -9.08
C VAL A 132 19.35 -12.05 -8.69
N ASN A 133 19.74 -12.88 -9.66
CA ASN A 133 20.07 -14.27 -9.36
C ASN A 133 21.31 -14.32 -8.47
N ARG A 134 21.35 -15.32 -7.59
CA ARG A 134 22.41 -15.37 -6.58
C ARG A 134 23.79 -15.57 -7.21
N ARG A 135 23.90 -16.45 -8.20
CA ARG A 135 25.21 -16.67 -8.82
C ARG A 135 25.68 -15.44 -9.57
N LEU A 136 24.76 -14.74 -10.24
CA LEU A 136 25.12 -13.49 -10.90
C LEU A 136 25.54 -12.45 -9.87
N LEU A 137 24.88 -12.42 -8.71
CA LEU A 137 25.27 -11.49 -7.66
C LEU A 137 26.69 -11.76 -7.17
N LEU A 138 27.01 -13.02 -6.94
CA LEU A 138 28.36 -13.36 -6.49
C LEU A 138 29.39 -13.07 -7.56
N LYS A 139 29.05 -13.32 -8.83
CA LYS A 139 29.97 -12.99 -9.92
C LYS A 139 30.20 -11.48 -10.01
N SER A 140 29.15 -10.69 -9.83
CA SER A 140 29.29 -9.24 -9.91
C SER A 140 30.13 -8.71 -8.77
N LEU A 141 29.79 -9.09 -7.52
CA LEU A 141 30.37 -8.43 -6.36
C LEU A 141 31.89 -8.50 -6.30
N LEU A 142 32.54 -9.37 -7.08
CA LEU A 142 34.00 -9.43 -7.02
C LEU A 142 34.64 -8.28 -7.80
N GLY A 143 34.03 -7.86 -8.91
CA GLY A 143 34.62 -6.85 -9.76
C GLY A 143 33.85 -5.57 -9.86
N TYR A 144 32.53 -5.65 -9.67
CA TYR A 144 31.66 -4.49 -9.74
C TYR A 144 31.81 -3.59 -8.53
N ILE A 145 31.94 -4.16 -7.34
CA ILE A 145 32.14 -3.35 -6.14
C ILE A 145 33.43 -2.52 -6.22
N PRO A 146 34.58 -3.07 -6.62
CA PRO A 146 35.76 -2.21 -6.77
C PRO A 146 35.55 -1.05 -7.73
N THR A 147 34.73 -1.22 -8.77
CA THR A 147 34.42 -0.09 -9.64
C THR A 147 33.67 1.00 -8.88
N ILE A 148 32.73 0.61 -8.02
CA ILE A 148 32.02 1.58 -7.20
C ILE A 148 32.98 2.32 -6.27
N LEU A 149 33.88 1.58 -5.63
CA LEU A 149 34.85 2.21 -4.74
C LEU A 149 35.78 3.15 -5.50
N MET A 150 36.19 2.75 -6.71
CA MET A 150 37.05 3.61 -7.50
C MET A 150 36.33 4.88 -7.94
N GLY A 151 35.05 4.76 -8.30
CA GLY A 151 34.27 5.94 -8.59
C GLY A 151 34.16 6.87 -7.41
N ILE A 152 33.94 6.30 -6.21
CA ILE A 152 33.84 7.13 -5.01
C ILE A 152 35.15 7.85 -4.73
N VAL A 153 36.28 7.14 -4.84
CA VAL A 153 37.55 7.77 -4.51
C VAL A 153 37.92 8.82 -5.56
N GLY A 154 37.60 8.57 -6.84
CA GLY A 154 37.86 9.58 -7.85
C GLY A 154 37.01 10.82 -7.65
N ALA A 155 35.73 10.64 -7.33
CA ALA A 155 34.87 11.77 -7.03
C ALA A 155 35.40 12.56 -5.85
N SER A 156 35.85 11.86 -4.80
CA SER A 156 36.41 12.54 -3.64
C SER A 156 37.66 13.32 -4.00
N ILE A 157 38.53 12.74 -4.82
CA ILE A 157 39.78 13.40 -5.19
C ILE A 157 39.50 14.68 -5.97
N PHE A 158 38.62 14.60 -6.98
CA PHE A 158 38.32 15.79 -7.76
C PHE A 158 37.54 16.82 -6.95
N GLY A 159 36.68 16.37 -6.03
CA GLY A 159 36.00 17.31 -5.16
C GLY A 159 36.97 18.06 -4.27
N ILE A 160 37.94 17.36 -3.68
CA ILE A 160 38.94 18.01 -2.86
C ILE A 160 39.76 19.00 -3.69
N ALA A 161 40.15 18.59 -4.90
CA ALA A 161 40.95 19.47 -5.75
C ALA A 161 40.19 20.75 -6.08
N ILE A 162 38.93 20.62 -6.50
CA ILE A 162 38.18 21.81 -6.88
C ILE A 162 37.82 22.65 -5.66
N GLY A 163 37.64 22.02 -4.49
CA GLY A 163 37.42 22.79 -3.28
C GLY A 163 38.63 23.60 -2.89
N LEU A 164 39.82 23.01 -3.01
CA LEU A 164 41.04 23.76 -2.78
C LEU A 164 41.19 24.90 -3.79
N VAL A 165 40.78 24.65 -5.04
CA VAL A 165 40.82 25.69 -6.05
C VAL A 165 39.93 26.86 -5.66
N PHE A 166 38.71 26.57 -5.19
CA PHE A 166 37.76 27.61 -4.83
C PHE A 166 37.85 28.05 -3.38
N GLY A 167 38.79 27.49 -2.62
CA GLY A 167 39.02 27.94 -1.26
C GLY A 167 38.11 27.34 -0.21
N ILE A 168 37.13 26.54 -0.61
CA ILE A 168 36.28 25.86 0.39
C ILE A 168 37.12 24.81 1.12
N PRO A 169 37.10 24.77 2.45
CA PRO A 169 37.96 23.83 3.16
C PRO A 169 37.59 22.39 2.89
N VAL A 170 38.62 21.52 2.94
CA VAL A 170 38.43 20.11 2.62
C VAL A 170 37.44 19.45 3.58
N ASP A 171 37.44 19.90 4.84
CA ASP A 171 36.46 19.38 5.78
C ASP A 171 35.03 19.68 5.32
N ARG A 172 34.79 20.93 4.91
CA ARG A 172 33.47 21.30 4.42
C ARG A 172 33.12 20.53 3.16
N ILE A 173 34.10 20.34 2.27
CA ILE A 173 33.85 19.57 1.05
C ILE A 173 33.40 18.15 1.40
N MET A 174 34.19 17.47 2.23
CA MET A 174 33.87 16.08 2.54
C MET A 174 32.55 15.97 3.29
N MET A 175 32.21 16.96 4.12
CA MET A 175 30.94 16.91 4.84
C MET A 175 29.74 17.16 3.95
N LEU A 176 29.81 18.15 3.06
CA LEU A 176 28.61 18.63 2.39
C LEU A 176 28.51 18.29 0.91
N TYR A 177 29.63 18.20 0.19
CA TYR A 177 29.61 18.17 -1.26
C TYR A 177 29.73 16.76 -1.83
N VAL A 178 30.79 16.04 -1.48
CA VAL A 178 31.04 14.74 -2.13
C VAL A 178 30.06 13.68 -1.63
N LEU A 179 29.86 13.60 -0.31
CA LEU A 179 29.05 12.50 0.22
C LEU A 179 27.59 12.58 -0.20
N PRO A 180 26.87 13.69 0.02
CA PRO A 180 25.47 13.73 -0.42
C PRO A 180 25.32 13.52 -1.93
N ILE A 181 26.24 14.08 -2.72
CA ILE A 181 26.17 13.87 -4.17
C ILE A 181 26.37 12.40 -4.49
N MET A 182 27.46 11.81 -3.98
CA MET A 182 27.88 10.49 -4.41
C MET A 182 27.01 9.40 -3.83
N GLY A 183 26.24 9.70 -2.78
CA GLY A 183 25.35 8.74 -2.17
C GLY A 183 23.99 8.68 -2.85
N GLY A 184 23.06 8.01 -2.18
CA GLY A 184 21.72 7.83 -2.71
C GLY A 184 20.90 9.10 -2.75
N GLY A 185 19.59 8.96 -2.92
CA GLY A 185 18.71 10.10 -3.08
C GLY A 185 18.29 10.74 -1.77
N ASN A 186 17.10 11.34 -1.78
CA ASN A 186 16.62 12.03 -0.59
C ASN A 186 16.21 11.05 0.50
N GLY A 187 15.46 10.01 0.13
CA GLY A 187 14.96 9.07 1.13
C GLY A 187 16.08 8.29 1.78
N ALA A 188 17.02 7.81 0.99
CA ALA A 188 18.21 7.14 1.50
C ALA A 188 19.42 7.85 0.94
N GLY A 189 20.27 8.37 1.83
CA GLY A 189 21.44 9.13 1.45
C GLY A 189 21.36 10.62 1.71
N ALA A 190 20.21 11.14 2.09
CA ALA A 190 20.12 12.52 2.55
C ALA A 190 19.70 12.62 4.01
N VAL A 191 18.53 12.10 4.35
CA VAL A 191 18.08 12.10 5.74
C VAL A 191 18.92 11.16 6.60
N PRO A 192 19.38 10.00 6.11
CA PRO A 192 20.28 9.20 6.97
C PRO A 192 21.61 9.89 7.23
N LEU A 193 22.17 10.56 6.21
CA LEU A 193 23.41 11.29 6.44
C LEU A 193 23.19 12.44 7.41
N SER A 194 22.04 13.14 7.30
CA SER A 194 21.74 14.18 8.26
C SER A 194 21.64 13.63 9.67
N GLU A 195 20.98 12.48 9.83
CA GLU A 195 20.85 11.88 11.15
C GLU A 195 22.20 11.47 11.72
N ILE A 196 23.06 10.88 10.89
CA ILE A 196 24.38 10.48 11.35
C ILE A 196 25.23 11.70 11.70
N TYR A 197 25.11 12.77 10.91
CA TYR A 197 25.81 14.02 11.20
C TYR A 197 25.39 14.55 12.57
N HIS A 198 24.08 14.58 12.83
CA HIS A 198 23.62 15.06 14.13
C HIS A 198 24.08 14.15 15.25
N SER A 199 24.06 12.83 15.03
CA SER A 199 24.43 11.89 16.09
C SER A 199 25.90 11.99 16.44
N VAL A 200 26.76 12.20 15.44
CA VAL A 200 28.20 12.19 15.67
C VAL A 200 28.70 13.58 15.99
N THR A 201 28.58 14.51 15.05
CA THR A 201 29.12 15.85 15.23
C THR A 201 28.26 16.74 16.12
N GLY A 202 26.98 16.44 16.26
CA GLY A 202 26.12 17.21 17.16
C GLY A 202 25.87 18.64 16.74
N ARG A 203 25.63 18.89 15.45
CA ARG A 203 25.16 20.18 14.98
C ARG A 203 23.80 20.04 14.31
N SER A 204 23.19 21.19 14.05
CA SER A 204 21.81 21.23 13.58
C SER A 204 21.66 20.51 12.24
N ARG A 205 20.57 19.76 12.11
CA ARG A 205 20.30 18.99 10.92
C ARG A 205 19.76 19.83 9.76
N GLU A 206 19.10 20.94 10.06
CA GLU A 206 18.31 21.63 9.04
C GLU A 206 19.19 22.20 7.94
N GLU A 207 20.23 22.96 8.29
CA GLU A 207 21.07 23.58 7.28
C GLU A 207 21.86 22.53 6.50
N TYR A 208 22.35 21.50 7.19
CA TYR A 208 23.05 20.42 6.51
C TYR A 208 22.15 19.74 5.49
N TYR A 209 20.92 19.41 5.90
CA TYR A 209 19.97 18.77 5.01
C TYR A 209 19.64 19.67 3.82
N SER A 210 19.42 20.96 4.07
CA SER A 210 19.06 21.87 3.00
C SER A 210 20.16 21.98 1.96
N THR A 211 21.38 22.25 2.41
CA THR A 211 22.50 22.37 1.47
C THR A 211 22.75 21.06 0.75
N ALA A 212 22.65 19.94 1.46
CA ALA A 212 22.84 18.64 0.83
C ALA A 212 21.79 18.40 -0.26
N ILE A 213 20.53 18.73 0.01
CA ILE A 213 19.48 18.54 -0.98
C ILE A 213 19.73 19.42 -2.20
N ALA A 214 20.10 20.68 -1.98
CA ALA A 214 20.36 21.58 -3.11
C ALA A 214 21.48 21.04 -3.99
N ILE A 215 22.61 20.71 -3.38
CA ILE A 215 23.75 20.26 -4.19
C ILE A 215 23.46 18.90 -4.80
N LEU A 216 22.66 18.06 -4.13
CA LEU A 216 22.27 16.77 -4.69
C LEU A 216 21.42 16.96 -5.94
N THR A 217 20.48 17.91 -5.90
CA THR A 217 19.68 18.20 -7.10
C THR A 217 20.54 18.72 -8.23
N ILE A 218 21.48 19.61 -7.93
CA ILE A 218 22.38 20.11 -8.96
C ILE A 218 23.19 18.97 -9.57
N ALA A 219 23.68 18.06 -8.71
CA ALA A 219 24.42 16.91 -9.19
C ALA A 219 23.55 16.01 -10.06
N ASN A 220 22.26 15.88 -9.73
CA ASN A 220 21.35 15.13 -10.59
C ASN A 220 21.25 15.76 -11.97
N ILE A 221 21.12 17.08 -12.01
CA ILE A 221 21.05 17.78 -13.31
C ILE A 221 22.30 17.47 -14.12
N PHE A 222 23.46 17.65 -13.50
CA PHE A 222 24.71 17.44 -14.21
C PHE A 222 24.91 15.98 -14.59
N ALA A 223 24.41 15.04 -13.77
CA ALA A 223 24.53 13.63 -14.10
C ALA A 223 23.73 13.30 -15.35
N ILE A 224 22.50 13.83 -15.46
CA ILE A 224 21.71 13.57 -16.66
C ILE A 224 22.41 14.16 -17.88
N VAL A 225 22.85 15.41 -17.79
CA VAL A 225 23.48 16.05 -18.94
C VAL A 225 24.76 15.31 -19.34
N PHE A 226 25.53 14.88 -18.35
CA PHE A 226 26.82 14.25 -18.61
C PHE A 226 26.65 12.85 -19.15
N ALA A 227 25.59 12.15 -18.74
CA ALA A 227 25.27 10.88 -19.37
C ALA A 227 24.89 11.07 -20.83
N ALA A 228 24.15 12.15 -21.12
CA ALA A 228 23.82 12.42 -22.52
C ALA A 228 25.08 12.65 -23.34
N VAL A 229 25.99 13.50 -22.86
CA VAL A 229 27.19 13.78 -23.63
C VAL A 229 28.08 12.55 -23.72
N LEU A 230 28.06 11.70 -22.70
CA LEU A 230 28.84 10.47 -22.73
C LEU A 230 28.28 9.49 -23.75
N ASP A 231 26.96 9.43 -23.88
CA ASP A 231 26.35 8.63 -24.94
C ASP A 231 26.76 9.17 -26.30
N ILE A 232 26.79 10.49 -26.44
CA ILE A 232 27.21 11.10 -27.71
C ILE A 232 28.64 10.70 -28.05
N ILE A 233 29.55 10.80 -27.07
CA ILE A 233 30.95 10.47 -27.33
C ILE A 233 31.13 8.97 -27.57
N GLY A 234 30.27 8.16 -26.96
CA GLY A 234 30.30 6.72 -27.23
C GLY A 234 29.85 6.41 -28.64
N LYS A 235 28.85 7.14 -29.14
CA LYS A 235 28.50 7.03 -30.55
C LYS A 235 29.66 7.46 -31.43
N LYS A 236 30.35 8.54 -31.04
CA LYS A 236 31.47 9.03 -31.83
C LYS A 236 32.59 8.01 -31.93
N HIS A 237 32.96 7.39 -30.82
CA HIS A 237 34.08 6.44 -30.77
C HIS A 237 33.51 5.04 -30.57
N THR A 238 33.64 4.19 -31.60
CA THR A 238 33.13 2.82 -31.50
C THR A 238 33.85 2.04 -30.42
N TRP A 239 35.16 2.22 -30.29
CA TRP A 239 35.91 1.50 -29.26
C TRP A 239 35.61 2.12 -27.89
N LEU A 240 35.97 1.38 -26.84
CA LEU A 240 35.75 1.68 -25.43
C LEU A 240 34.26 1.83 -25.10
N SER A 241 33.36 1.43 -26.00
CA SER A 241 31.92 1.47 -25.74
C SER A 241 31.30 0.17 -26.23
N GLY A 242 30.75 -0.61 -25.32
CA GLY A 242 30.00 -1.80 -25.71
C GLY A 242 28.51 -1.56 -25.55
N GLU A 243 27.83 -1.29 -26.67
CA GLU A 243 26.44 -0.87 -26.64
C GLU A 243 25.54 -1.90 -25.96
N GLY A 244 24.95 -1.51 -24.83
CA GLY A 244 24.00 -2.36 -24.13
C GLY A 244 24.62 -3.50 -23.36
N GLU A 245 25.95 -3.56 -23.25
CA GLU A 245 26.62 -4.65 -22.56
C GLU A 245 27.68 -4.08 -21.63
N LEU A 246 27.77 -4.62 -20.42
CA LEU A 246 28.68 -4.08 -19.42
C LEU A 246 30.03 -4.80 -19.44
N VAL A 247 30.01 -6.13 -19.45
CA VAL A 247 31.24 -6.90 -19.36
C VAL A 247 31.88 -7.02 -20.74
N ARG A 248 33.22 -7.11 -20.75
CA ARG A 248 33.97 -7.23 -21.98
C ARG A 248 34.53 -8.63 -22.22
N LYS A 249 34.24 -9.59 -21.36
CA LYS A 249 34.81 -10.94 -21.44
C LYS A 249 33.76 -11.84 -22.09
N ALA A 250 33.75 -11.85 -23.42
CA ALA A 250 32.84 -12.66 -24.23
C ALA A 250 31.36 -12.39 -23.90
N SER A 251 31.08 -11.21 -23.33
CA SER A 251 29.72 -10.84 -22.93
C SER A 251 29.12 -11.88 -22.00
N PHE A 252 29.93 -12.41 -21.09
CA PHE A 252 29.52 -13.44 -20.14
C PHE A 252 28.92 -14.64 -20.87
N LYS A 253 29.80 -15.29 -21.66
CA LYS A 253 29.36 -16.40 -22.49
C LYS A 253 28.79 -17.54 -21.65
N VAL A 254 29.44 -17.87 -20.54
CA VAL A 254 28.96 -18.93 -19.66
C VAL A 254 27.94 -18.33 -18.70
N GLU A 255 26.67 -18.31 -19.12
CA GLU A 255 25.59 -17.73 -18.32
C GLU A 255 24.37 -18.63 -18.44
N GLU A 256 23.88 -19.11 -17.30
CA GLU A 256 22.71 -19.97 -17.23
C GLU A 256 21.72 -19.40 -16.22
N ASP A 257 20.43 -19.53 -16.52
CA ASP A 257 19.37 -19.12 -15.61
C ASP A 257 18.78 -20.35 -14.95
N GLU A 258 18.65 -20.31 -13.62
CA GLU A 258 18.19 -21.48 -12.88
C GLU A 258 16.77 -21.88 -13.29
N LYS A 259 15.79 -21.04 -12.97
CA LYS A 259 14.39 -21.25 -13.34
C LYS A 259 13.57 -20.09 -12.78
N THR A 260 12.40 -19.88 -13.36
CA THR A 260 11.41 -18.96 -12.82
C THR A 260 10.02 -19.45 -13.23
N GLY A 261 9.09 -19.41 -12.29
CA GLY A 261 7.74 -19.89 -12.52
C GLY A 261 6.76 -18.76 -12.78
N GLN A 262 5.48 -19.08 -12.61
CA GLN A 262 4.42 -18.09 -12.72
C GLN A 262 4.27 -17.33 -11.40
N ILE A 263 4.11 -16.02 -11.50
CA ILE A 263 4.05 -15.15 -10.34
C ILE A 263 2.60 -14.77 -10.09
N THR A 264 2.12 -15.02 -8.88
CA THR A 264 0.77 -14.67 -8.46
C THR A 264 0.82 -13.52 -7.47
N HIS A 265 -0.35 -13.14 -6.97
CA HIS A 265 -0.43 -12.06 -5.99
C HIS A 265 0.22 -12.45 -4.67
N ARG A 266 0.14 -13.73 -4.30
CA ARG A 266 0.75 -14.19 -3.05
C ARG A 266 2.26 -13.97 -3.06
N GLU A 267 2.89 -14.13 -4.23
CA GLU A 267 4.32 -13.92 -4.32
C GLU A 267 4.68 -12.46 -4.07
N THR A 268 3.89 -11.54 -4.63
CA THR A 268 4.10 -10.12 -4.38
C THR A 268 3.90 -9.77 -2.91
N ALA A 269 2.87 -10.36 -2.29
CA ALA A 269 2.65 -10.13 -0.87
C ALA A 269 3.81 -10.65 -0.04
N VAL A 270 4.35 -11.80 -0.42
CA VAL A 270 5.52 -12.35 0.29
C VAL A 270 6.70 -11.41 0.12
N GLY A 271 6.83 -10.80 -1.05
CA GLY A 271 7.86 -9.78 -1.24
C GLY A 271 7.68 -8.61 -0.30
N LEU A 272 6.44 -8.16 -0.12
CA LEU A 272 6.18 -7.07 0.83
C LEU A 272 6.52 -7.48 2.26
N VAL A 273 6.15 -8.71 2.63
CA VAL A 273 6.45 -9.21 3.97
C VAL A 273 7.96 -9.23 4.19
N LEU A 274 8.71 -9.71 3.19
CA LEU A 274 10.16 -9.73 3.30
C LEU A 274 10.74 -8.33 3.40
N SER A 275 10.21 -7.39 2.61
CA SER A 275 10.59 -5.99 2.71
C SER A 275 10.52 -5.54 4.16
N THR A 276 9.33 -5.67 4.74
CA THR A 276 9.07 -5.14 6.07
C THR A 276 9.89 -5.87 7.13
N THR A 277 9.99 -7.18 7.03
CA THR A 277 10.72 -7.96 8.02
C THR A 277 12.22 -7.64 7.97
N CYS A 278 12.79 -7.51 6.78
CA CYS A 278 14.19 -7.16 6.67
C CYS A 278 14.44 -5.77 7.24
N PHE A 279 13.54 -4.82 6.98
CA PHE A 279 13.72 -3.49 7.57
C PHE A 279 13.66 -3.55 9.09
N LEU A 280 12.72 -4.33 9.64
CA LEU A 280 12.62 -4.44 11.09
C LEU A 280 13.88 -5.06 11.69
N LEU A 281 14.38 -6.12 11.06
CA LEU A 281 15.59 -6.77 11.57
C LEU A 281 16.78 -5.82 11.53
N ALA A 282 16.91 -5.06 10.43
CA ALA A 282 17.98 -4.08 10.35
C ALA A 282 17.84 -3.01 11.43
N TYR A 283 16.62 -2.55 11.66
CA TYR A 283 16.39 -1.56 12.71
C TYR A 283 16.83 -2.09 14.06
N VAL A 284 16.43 -3.32 14.38
CA VAL A 284 16.77 -3.91 15.67
C VAL A 284 18.29 -4.05 15.80
N VAL A 285 18.94 -4.57 14.77
CA VAL A 285 20.38 -4.80 14.83
C VAL A 285 21.13 -3.49 14.98
N ALA A 286 20.75 -2.46 14.21
CA ALA A 286 21.46 -1.20 14.26
C ALA A 286 21.16 -0.42 15.52
N LYS A 287 20.00 -0.65 16.14
CA LYS A 287 19.64 0.12 17.32
C LYS A 287 20.18 -0.49 18.60
N LYS A 288 20.00 -1.79 18.80
CA LYS A 288 20.30 -2.37 20.10
C LYS A 288 21.29 -3.52 20.05
N ILE A 289 21.21 -4.38 19.03
CA ILE A 289 22.06 -5.57 19.01
C ILE A 289 23.52 -5.19 18.80
N LEU A 290 23.83 -4.59 17.65
CA LEU A 290 25.20 -4.25 17.28
C LEU A 290 25.25 -2.82 16.78
N PRO A 291 25.11 -1.84 17.68
CA PRO A 291 25.08 -0.44 17.24
C PRO A 291 26.37 0.02 16.59
N SER A 292 27.53 -0.49 17.01
CA SER A 292 28.81 0.00 16.52
C SER A 292 29.78 -1.16 16.39
N ILE A 293 30.36 -1.33 15.20
CA ILE A 293 31.41 -2.32 15.02
C ILE A 293 32.66 -1.91 15.81
N GLY A 294 33.08 -0.66 15.66
CA GLY A 294 34.15 -0.10 16.45
C GLY A 294 33.76 1.28 16.94
N GLY A 295 34.58 2.28 16.62
CA GLY A 295 34.16 3.65 16.85
C GLY A 295 33.14 4.15 15.85
N VAL A 296 32.93 3.40 14.77
CA VAL A 296 31.99 3.79 13.72
C VAL A 296 30.61 3.25 14.05
N ALA A 297 29.58 4.05 13.75
CA ALA A 297 28.19 3.64 13.91
C ALA A 297 27.60 3.35 12.53
N ILE A 298 26.94 2.20 12.40
CA ILE A 298 26.40 1.74 11.12
C ILE A 298 24.90 1.98 11.12
N HIS A 299 24.39 2.52 10.03
CA HIS A 299 22.99 2.88 9.93
C HIS A 299 22.14 1.67 9.57
N TYR A 300 20.87 1.71 9.97
CA TYR A 300 20.01 0.57 9.70
C TYR A 300 19.73 0.39 8.22
N PHE A 301 19.92 1.41 7.39
CA PHE A 301 19.82 1.22 5.95
C PHE A 301 20.97 0.36 5.43
N ALA A 302 22.19 0.64 5.89
CA ALA A 302 23.32 -0.22 5.53
C ALA A 302 23.12 -1.63 6.04
N TRP A 303 22.62 -1.77 7.28
CA TRP A 303 22.35 -3.10 7.80
C TRP A 303 21.27 -3.80 6.97
N MET A 304 20.26 -3.07 6.51
CA MET A 304 19.23 -3.68 5.69
C MET A 304 19.79 -4.17 4.36
N VAL A 305 20.63 -3.35 3.74
CA VAL A 305 21.25 -3.78 2.48
C VAL A 305 22.05 -5.06 2.70
N LEU A 306 22.86 -5.09 3.76
CA LEU A 306 23.66 -6.28 4.03
C LEU A 306 22.79 -7.49 4.33
N ILE A 307 21.71 -7.28 5.09
CA ILE A 307 20.84 -8.40 5.49
C ILE A 307 20.11 -8.97 4.30
N VAL A 308 19.62 -8.10 3.40
CA VAL A 308 18.93 -8.59 2.22
C VAL A 308 19.91 -9.29 1.29
N ALA A 309 21.15 -8.80 1.19
CA ALA A 309 22.16 -9.51 0.42
C ALA A 309 22.43 -10.89 0.99
N ALA A 310 22.52 -10.98 2.33
CA ALA A 310 22.74 -12.28 2.97
C ALA A 310 21.56 -13.21 2.75
N LEU A 311 20.33 -12.68 2.79
CA LEU A 311 19.15 -13.48 2.52
C LEU A 311 19.16 -14.01 1.10
N ASN A 312 19.53 -13.17 0.13
CA ASN A 312 19.64 -13.63 -1.24
C ASN A 312 20.69 -14.71 -1.39
N ALA A 313 21.84 -14.53 -0.73
CA ALA A 313 22.94 -15.49 -0.88
C ALA A 313 22.62 -16.81 -0.17
N SER A 314 21.82 -16.77 0.90
CA SER A 314 21.55 -18.00 1.65
C SER A 314 20.78 -19.00 0.83
N GLY A 315 19.82 -18.54 0.03
CA GLY A 315 19.00 -19.42 -0.76
C GLY A 315 17.65 -19.77 -0.16
N LEU A 316 17.25 -19.10 0.92
CA LEU A 316 15.94 -19.36 1.50
C LEU A 316 14.83 -18.96 0.54
N CYS A 317 15.02 -17.85 -0.17
CA CYS A 317 14.00 -17.32 -1.07
C CYS A 317 13.90 -18.19 -2.32
N SER A 318 12.67 -18.53 -2.71
CA SER A 318 12.44 -19.25 -3.95
C SER A 318 12.55 -18.29 -5.14
N PRO A 319 12.79 -18.83 -6.34
CA PRO A 319 12.79 -17.95 -7.52
C PRO A 319 11.48 -17.21 -7.71
N GLU A 320 10.35 -17.85 -7.41
CA GLU A 320 9.07 -17.17 -7.48
C GLU A 320 9.01 -16.02 -6.49
N ILE A 321 9.52 -16.21 -5.28
CA ILE A 321 9.52 -15.14 -4.29
C ILE A 321 10.41 -13.99 -4.73
N LYS A 322 11.57 -14.30 -5.31
CA LYS A 322 12.44 -13.24 -5.81
C LYS A 322 11.78 -12.46 -6.93
N ALA A 323 11.11 -13.17 -7.86
CA ALA A 323 10.41 -12.50 -8.94
C ALA A 323 9.27 -11.64 -8.41
N GLY A 324 8.57 -12.13 -7.38
CA GLY A 324 7.50 -11.34 -6.77
C GLY A 324 8.02 -10.08 -6.10
N ALA A 325 9.16 -10.19 -5.42
CA ALA A 325 9.77 -9.00 -4.83
C ALA A 325 10.17 -8.01 -5.90
N LYS A 326 10.75 -8.49 -7.00
CA LYS A 326 11.10 -7.61 -8.11
C LYS A 326 9.87 -6.92 -8.68
N ARG A 327 8.77 -7.66 -8.80
CA ARG A 327 7.57 -7.12 -9.42
C ARG A 327 6.89 -6.10 -8.50
N LEU A 328 6.93 -6.35 -7.19
CA LEU A 328 6.45 -5.34 -6.24
C LEU A 328 7.31 -4.08 -6.29
N SER A 329 8.63 -4.24 -6.39
CA SER A 329 9.50 -3.08 -6.51
C SER A 329 9.19 -2.30 -7.78
N ASP A 330 8.93 -3.00 -8.88
CA ASP A 330 8.56 -2.34 -10.12
C ASP A 330 7.25 -1.56 -9.95
N PHE A 331 6.26 -2.18 -9.31
CA PHE A 331 5.00 -1.48 -9.08
C PHE A 331 5.21 -0.21 -8.26
N PHE A 332 5.95 -0.32 -7.15
CA PHE A 332 6.18 0.86 -6.33
C PHE A 332 6.90 1.95 -7.13
N SER A 333 8.01 1.59 -7.78
CA SER A 333 8.83 2.59 -8.46
C SER A 333 8.07 3.26 -9.61
N LYS A 334 7.21 2.52 -10.30
CA LYS A 334 6.54 3.08 -11.47
C LYS A 334 5.16 3.63 -11.19
N GLN A 335 4.61 3.45 -9.99
CA GLN A 335 3.31 4.02 -9.69
C GLN A 335 3.34 5.03 -8.54
N LEU A 336 3.96 4.68 -7.41
CA LEU A 336 3.90 5.53 -6.24
C LEU A 336 5.05 6.54 -6.18
N LEU A 337 5.91 6.56 -7.18
CA LEU A 337 7.03 7.50 -7.18
C LEU A 337 6.54 8.95 -7.21
N TRP A 338 5.52 9.23 -8.02
CA TRP A 338 5.00 10.59 -8.11
C TRP A 338 4.33 11.02 -6.81
N VAL A 339 3.64 10.10 -6.15
CA VAL A 339 3.09 10.36 -4.82
C VAL A 339 4.20 10.69 -3.84
N LEU A 340 5.26 9.88 -3.85
CA LEU A 340 6.40 10.13 -2.98
C LEU A 340 7.01 11.50 -3.27
N MET A 341 7.07 11.89 -4.53
CA MET A 341 7.66 13.18 -4.87
C MET A 341 6.79 14.35 -4.43
N VAL A 342 5.47 14.21 -4.54
CA VAL A 342 4.59 15.25 -4.01
C VAL A 342 4.83 15.42 -2.52
N GLY A 343 4.89 14.30 -1.79
CA GLY A 343 5.11 14.39 -0.36
C GLY A 343 6.48 14.95 -0.01
N VAL A 344 7.51 14.56 -0.77
CA VAL A 344 8.85 15.10 -0.54
C VAL A 344 8.88 16.59 -0.79
N GLY A 345 8.25 17.05 -1.86
CA GLY A 345 8.19 18.48 -2.11
C GLY A 345 7.49 19.23 -0.99
N VAL A 346 6.44 18.64 -0.43
CA VAL A 346 5.72 19.30 0.66
C VAL A 346 6.56 19.35 1.93
N CYS A 347 7.25 18.25 2.26
CA CYS A 347 7.83 18.09 3.58
C CYS A 347 9.31 18.46 3.67
N TYR A 348 10.11 18.19 2.65
CA TYR A 348 11.57 18.26 2.75
C TYR A 348 12.17 19.18 1.69
N THR A 349 11.62 20.39 1.54
CA THR A 349 12.18 21.33 0.57
C THR A 349 11.79 22.75 0.95
N ASP A 350 12.73 23.68 0.79
CA ASP A 350 12.48 25.10 1.01
C ASP A 350 13.09 25.89 -0.14
N LEU A 351 12.24 26.55 -0.92
CA LEU A 351 12.70 27.21 -2.14
C LEU A 351 13.73 28.29 -1.88
N GLN A 352 13.53 29.11 -0.84
CA GLN A 352 14.43 30.22 -0.60
C GLN A 352 15.87 29.74 -0.42
N GLU A 353 16.07 28.79 0.48
CA GLU A 353 17.41 28.26 0.74
C GLU A 353 17.93 27.40 -0.41
N ILE A 354 17.05 26.69 -1.11
CA ILE A 354 17.47 25.96 -2.30
C ILE A 354 18.08 26.93 -3.31
N ILE A 355 17.39 28.05 -3.56
CA ILE A 355 17.89 29.03 -4.52
C ILE A 355 19.16 29.70 -4.00
N ASN A 356 19.20 30.00 -2.69
CA ASN A 356 20.42 30.58 -2.13
C ASN A 356 21.59 29.62 -2.21
N ALA A 357 21.35 28.33 -2.44
CA ALA A 357 22.42 27.36 -2.63
C ALA A 357 22.60 26.99 -4.10
N ILE A 358 22.41 27.96 -5.01
CA ILE A 358 22.64 27.74 -6.43
C ILE A 358 23.78 28.67 -6.87
N THR A 359 24.75 28.88 -5.99
CA THR A 359 25.88 29.72 -6.33
C THR A 359 26.71 29.09 -7.44
N PHE A 360 27.40 29.95 -8.20
CA PHE A 360 28.27 29.47 -9.26
C PHE A 360 29.36 28.57 -8.71
N ALA A 361 29.90 28.91 -7.53
CA ALA A 361 30.87 28.05 -6.89
C ALA A 361 30.30 26.66 -6.64
N ASN A 362 29.11 26.59 -6.04
CA ASN A 362 28.52 25.29 -5.72
C ASN A 362 28.25 24.48 -6.98
N VAL A 363 27.73 25.14 -8.03
CA VAL A 363 27.36 24.41 -9.23
C VAL A 363 28.60 23.87 -9.94
N VAL A 364 29.68 24.66 -9.97
CA VAL A 364 30.90 24.16 -10.59
C VAL A 364 31.54 23.06 -9.75
N ILE A 365 31.45 23.15 -8.42
CA ILE A 365 31.95 22.07 -7.57
C ILE A 365 31.21 20.78 -7.90
N ALA A 366 29.88 20.86 -8.00
CA ALA A 366 29.09 19.66 -8.31
C ALA A 366 29.46 19.10 -9.67
N ALA A 367 29.64 19.97 -10.67
CA ALA A 367 30.02 19.49 -12.01
C ALA A 367 31.36 18.77 -11.97
N ILE A 368 32.34 19.34 -11.26
CA ILE A 368 33.66 18.73 -11.20
C ILE A 368 33.60 17.39 -10.45
N ILE A 369 32.79 17.31 -9.39
CA ILE A 369 32.65 16.04 -8.67
C ILE A 369 32.04 14.99 -9.58
N VAL A 370 31.05 15.37 -10.39
CA VAL A 370 30.44 14.40 -11.30
C VAL A 370 31.45 13.94 -12.36
N ILE A 371 32.25 14.86 -12.90
CA ILE A 371 33.35 14.46 -13.78
C ILE A 371 34.26 13.46 -13.10
N GLY A 372 34.62 13.73 -11.84
CA GLY A 372 35.52 12.83 -11.13
C GLY A 372 34.92 11.45 -10.94
N ALA A 373 33.64 11.40 -10.57
CA ALA A 373 32.97 10.12 -10.41
C ALA A 373 32.92 9.34 -11.71
N VAL A 374 32.59 10.02 -12.82
CA VAL A 374 32.51 9.35 -14.11
C VAL A 374 33.88 8.80 -14.51
N LEU A 375 34.92 9.63 -14.37
CA LEU A 375 36.26 9.19 -14.77
C LEU A 375 36.74 8.03 -13.91
N GLY A 376 36.53 8.10 -12.60
CA GLY A 376 36.96 7.03 -11.73
C GLY A 376 36.23 5.74 -12.01
N ALA A 377 34.90 5.82 -12.21
CA ALA A 377 34.14 4.63 -12.52
C ALA A 377 34.58 4.02 -13.84
N ALA A 378 34.84 4.85 -14.85
CA ALA A 378 35.27 4.34 -16.14
C ALA A 378 36.62 3.65 -16.04
N ILE A 379 37.57 4.27 -15.35
CA ILE A 379 38.91 3.68 -15.26
C ILE A 379 38.86 2.40 -14.44
N GLY A 380 38.04 2.37 -13.38
CA GLY A 380 37.89 1.15 -12.62
C GLY A 380 37.25 0.03 -13.40
N GLY A 381 36.22 0.36 -14.19
CA GLY A 381 35.59 -0.65 -15.02
C GLY A 381 36.53 -1.21 -16.07
N TRP A 382 37.32 -0.34 -16.70
CA TRP A 382 38.31 -0.83 -17.65
C TRP A 382 39.36 -1.70 -16.97
N LEU A 383 39.81 -1.30 -15.78
CA LEU A 383 40.81 -2.09 -15.07
C LEU A 383 40.26 -3.46 -14.68
N MET A 384 38.99 -3.52 -14.29
CA MET A 384 38.40 -4.76 -13.84
C MET A 384 37.74 -5.56 -14.97
N GLY A 385 37.75 -5.05 -16.19
CA GLY A 385 37.32 -5.81 -17.34
C GLY A 385 35.99 -5.42 -17.95
N PHE A 386 35.43 -4.28 -17.58
CA PHE A 386 34.15 -3.85 -18.15
C PHE A 386 34.35 -2.74 -19.17
N PHE A 387 33.32 -2.51 -19.96
CA PHE A 387 33.33 -1.39 -20.92
C PHE A 387 33.31 -0.08 -20.16
N PRO A 388 34.24 0.85 -20.44
CA PRO A 388 34.34 2.05 -19.61
C PRO A 388 33.11 2.96 -19.64
N ILE A 389 32.47 3.20 -20.79
CA ILE A 389 31.34 4.13 -20.80
C ILE A 389 30.15 3.55 -20.05
N GLU A 390 29.76 2.31 -20.38
CA GLU A 390 28.68 1.67 -19.64
C GLU A 390 29.01 1.53 -18.16
N SER A 391 30.27 1.30 -17.81
CA SER A 391 30.66 1.36 -16.41
C SER A 391 30.41 2.75 -15.83
N ALA A 392 30.69 3.79 -16.62
CA ALA A 392 30.53 5.15 -16.13
C ALA A 392 29.07 5.52 -15.89
N ILE A 393 28.16 5.06 -16.74
CA ILE A 393 26.73 5.25 -16.45
C ILE A 393 26.30 4.37 -15.29
N THR A 394 26.74 3.11 -15.26
CA THR A 394 26.23 2.17 -14.27
C THR A 394 26.65 2.57 -12.86
N ALA A 395 27.95 2.82 -12.66
CA ALA A 395 28.49 3.32 -11.40
C ALA A 395 29.14 4.67 -11.66
N GLY A 396 29.26 5.46 -10.60
CA GLY A 396 29.67 6.84 -10.77
C GLY A 396 28.46 7.68 -11.11
N LEU A 397 27.97 7.57 -12.35
CA LEU A 397 26.60 7.93 -12.62
C LEU A 397 25.69 6.85 -12.03
N CYS A 398 24.45 7.23 -11.77
CA CYS A 398 23.47 6.46 -11.00
C CYS A 398 23.86 6.40 -9.52
N MET A 399 25.05 6.90 -9.20
CA MET A 399 25.46 7.03 -7.78
C MET A 399 25.50 8.53 -7.51
N ALA A 400 26.10 9.31 -8.43
CA ALA A 400 26.05 10.78 -8.31
C ALA A 400 24.58 11.18 -8.45
N ASN A 401 23.85 10.46 -9.31
CA ASN A 401 22.39 10.71 -9.49
C ASN A 401 21.68 10.30 -8.21
N ARG A 402 20.46 10.78 -8.00
CA ARG A 402 19.73 10.50 -6.74
C ARG A 402 19.57 8.99 -6.59
N GLY A 403 19.30 8.26 -7.67
CA GLY A 403 19.04 6.82 -7.53
C GLY A 403 17.55 6.61 -7.41
N GLY A 404 17.05 5.42 -7.71
CA GLY A 404 15.57 5.32 -7.73
C GLY A 404 15.11 6.31 -8.78
N SER A 405 14.36 7.34 -8.39
CA SER A 405 14.04 8.38 -9.38
C SER A 405 15.37 8.98 -9.87
N GLY A 406 15.53 9.12 -11.17
CA GLY A 406 16.76 9.70 -11.73
C GLY A 406 17.72 8.64 -12.22
N ASP A 407 17.72 7.45 -11.63
CA ASP A 407 18.54 6.35 -12.23
C ASP A 407 17.86 6.00 -13.55
N LEU A 408 16.53 5.95 -13.54
CA LEU A 408 15.77 5.69 -14.79
C LEU A 408 16.03 6.84 -15.75
N GLU A 409 16.04 8.07 -15.24
CA GLU A 409 16.24 9.26 -16.11
C GLU A 409 17.62 9.23 -16.77
N VAL A 410 18.66 8.86 -16.01
CA VAL A 410 20.04 8.79 -16.58
C VAL A 410 20.04 7.71 -17.66
N LEU A 411 19.42 6.56 -17.38
CA LEU A 411 19.34 5.47 -18.38
C LEU A 411 18.49 5.91 -19.58
N SER A 412 17.38 6.63 -19.33
CA SER A 412 16.50 7.14 -20.42
C SER A 412 17.23 8.19 -21.27
N ALA A 413 17.98 9.09 -20.63
CA ALA A 413 18.75 10.11 -21.38
C ALA A 413 19.72 9.33 -22.25
N CYS A 414 20.42 8.36 -21.66
CA CYS A 414 21.26 7.49 -22.44
C CYS A 414 20.41 6.57 -23.31
N ASN A 415 21.03 5.95 -24.30
CA ASN A 415 20.32 5.02 -25.14
C ASN A 415 20.16 3.65 -24.47
N ARG A 416 20.79 3.47 -23.32
CA ARG A 416 20.88 2.18 -22.67
C ARG A 416 19.89 2.11 -21.50
N MET A 417 18.94 1.18 -21.59
CA MET A 417 17.93 0.99 -20.55
C MET A 417 17.94 -0.42 -19.97
N ASN A 418 18.51 -1.40 -20.67
CA ASN A 418 18.53 -2.77 -20.20
C ASN A 418 19.40 -2.97 -18.97
N LEU A 419 20.21 -1.97 -18.59
CA LEU A 419 21.06 -2.05 -17.41
C LEU A 419 20.35 -1.54 -16.16
N ILE A 420 19.03 -1.62 -16.11
CA ILE A 420 18.30 -1.08 -14.97
C ILE A 420 18.62 -1.86 -13.69
N SER A 421 18.82 -3.18 -13.79
CA SER A 421 19.18 -3.94 -12.60
C SER A 421 20.53 -3.49 -12.05
N TYR A 422 21.50 -3.27 -12.94
CA TYR A 422 22.78 -2.74 -12.52
C TYR A 422 22.63 -1.36 -11.90
N ALA A 423 21.75 -0.52 -12.47
CA ALA A 423 21.55 0.82 -11.93
C ALA A 423 20.99 0.77 -10.52
N GLN A 424 19.96 -0.06 -10.29
CA GLN A 424 19.38 -0.15 -8.95
C GLN A 424 20.37 -0.74 -7.95
N ILE A 425 21.08 -1.79 -8.34
CA ILE A 425 22.04 -2.36 -7.39
C ILE A 425 23.15 -1.37 -7.10
N SER A 426 23.55 -0.58 -8.10
CA SER A 426 24.52 0.49 -7.87
C SER A 426 23.99 1.48 -6.85
N SER A 427 22.76 1.96 -7.04
CA SER A 427 22.19 2.94 -6.12
C SER A 427 22.16 2.38 -4.69
N ARG A 428 21.70 1.14 -4.54
CA ARG A 428 21.49 0.61 -3.20
C ARG A 428 22.80 0.30 -2.50
N LEU A 429 23.71 -0.43 -3.16
CA LEU A 429 24.99 -0.73 -2.54
C LEU A 429 25.82 0.53 -2.33
N GLY A 430 25.77 1.47 -3.28
CA GLY A 430 26.44 2.73 -3.09
C GLY A 430 25.88 3.51 -1.91
N GLY A 431 24.56 3.44 -1.70
CA GLY A 431 24.01 4.04 -0.51
C GLY A 431 24.56 3.43 0.76
N GLY A 432 24.56 2.10 0.83
CA GLY A 432 25.09 1.46 2.02
C GLY A 432 26.54 1.86 2.28
N ILE A 433 27.35 1.83 1.23
CA ILE A 433 28.77 2.14 1.37
C ILE A 433 28.97 3.61 1.72
N VAL A 434 28.20 4.52 1.11
CA VAL A 434 28.42 5.93 1.38
C VAL A 434 27.99 6.26 2.81
N LEU A 435 26.94 5.64 3.33
CA LEU A 435 26.63 5.84 4.75
C LEU A 435 27.74 5.29 5.65
N VAL A 436 28.29 4.12 5.33
CA VAL A 436 29.38 3.60 6.16
C VAL A 436 30.58 4.56 6.15
N ILE A 437 31.00 4.97 4.96
CA ILE A 437 32.15 5.86 4.83
C ILE A 437 31.86 7.22 5.45
N ALA A 438 30.61 7.68 5.34
CA ALA A 438 30.24 8.96 5.93
C ALA A 438 30.32 8.91 7.44
N SER A 439 29.86 7.81 8.04
CA SER A 439 30.01 7.66 9.48
C SER A 439 31.49 7.66 9.86
N ILE A 440 32.31 6.95 9.08
CA ILE A 440 33.74 6.90 9.37
C ILE A 440 34.35 8.30 9.34
N VAL A 441 34.05 9.06 8.28
CA VAL A 441 34.67 10.38 8.14
C VAL A 441 34.10 11.37 9.14
N PHE A 442 32.81 11.26 9.49
CA PHE A 442 32.26 12.12 10.51
C PHE A 442 32.97 11.91 11.84
N GLY A 443 33.17 10.64 12.21
CA GLY A 443 33.92 10.35 13.43
C GLY A 443 35.37 10.82 13.34
N MET A 444 35.98 10.69 12.16
CA MET A 444 37.39 11.02 12.02
C MET A 444 37.63 12.52 12.11
N MET A 445 36.75 13.32 11.49
CA MET A 445 36.91 14.77 11.55
C MET A 445 36.37 15.38 12.83
N ILE A 446 35.12 15.08 13.19
CA ILE A 446 34.55 15.62 14.42
C ILE A 446 34.00 14.48 15.27
N LEU B 18 9.13 -31.97 5.92
CA LEU B 18 7.96 -31.12 6.02
C LEU B 18 8.34 -29.65 5.77
N LEU B 19 9.59 -29.42 5.39
CA LEU B 19 10.07 -28.07 5.14
C LEU B 19 9.42 -27.44 3.92
N GLY B 20 8.75 -28.23 3.08
CA GLY B 20 8.02 -27.67 1.94
C GLY B 20 6.67 -27.09 2.31
N PHE B 21 6.23 -27.27 3.55
CA PHE B 21 4.95 -26.71 3.98
C PHE B 21 5.01 -25.19 3.96
N LYS B 22 3.97 -24.57 3.40
CA LYS B 22 3.95 -23.14 3.14
C LYS B 22 3.08 -22.42 4.16
N ILE B 23 3.61 -21.35 4.73
CA ILE B 23 2.87 -20.48 5.64
C ILE B 23 2.78 -19.11 4.98
N PHE B 24 1.57 -18.69 4.64
CA PHE B 24 1.34 -17.43 3.92
C PHE B 24 2.19 -17.38 2.65
N GLY B 25 2.27 -18.50 1.96
CA GLY B 25 3.04 -18.58 0.74
C GLY B 25 4.54 -18.60 0.92
N MET B 26 5.04 -18.65 2.16
CA MET B 26 6.48 -18.74 2.37
C MET B 26 6.84 -20.12 2.88
N PRO B 27 7.96 -20.69 2.45
CA PRO B 27 8.41 -21.97 3.01
C PRO B 27 8.73 -21.83 4.48
N LEU B 28 8.80 -22.99 5.15
CA LEU B 28 9.03 -22.99 6.59
C LEU B 28 10.32 -22.29 7.02
N PRO B 29 11.47 -22.50 6.37
CA PRO B 29 12.68 -21.75 6.81
C PRO B 29 12.53 -20.25 6.69
N LEU B 30 11.87 -19.77 5.64
CA LEU B 30 11.69 -18.32 5.48
C LEU B 30 10.82 -17.75 6.60
N TYR B 31 9.72 -18.43 6.92
CA TYR B 31 8.91 -17.97 8.03
C TYR B 31 9.64 -18.11 9.35
N ALA B 32 10.53 -19.09 9.47
CA ALA B 32 11.35 -19.19 10.68
C ALA B 32 12.24 -17.97 10.82
N PHE B 33 12.84 -17.53 9.72
CA PHE B 33 13.64 -16.30 9.75
C PHE B 33 12.79 -15.10 10.14
N ALA B 34 11.59 -14.99 9.56
CA ALA B 34 10.71 -13.86 9.89
C ALA B 34 10.29 -13.88 11.35
N LEU B 35 9.96 -15.06 11.88
CA LEU B 35 9.54 -15.18 13.26
C LEU B 35 10.71 -14.91 14.21
N ILE B 36 11.92 -15.30 13.82
CA ILE B 36 13.11 -14.95 14.60
C ILE B 36 13.26 -13.44 14.66
N THR B 37 13.05 -12.77 13.52
CA THR B 37 13.08 -11.30 13.52
C THR B 37 12.05 -10.72 14.48
N LEU B 38 10.83 -11.23 14.43
CA LEU B 38 9.77 -10.71 15.30
C LEU B 38 10.11 -10.94 16.77
N LEU B 39 10.61 -12.13 17.10
CA LEU B 39 10.96 -12.43 18.49
C LEU B 39 12.12 -11.57 18.98
N LEU B 40 13.12 -11.34 18.13
CA LEU B 40 14.21 -10.46 18.50
C LEU B 40 13.69 -9.04 18.76
N SER B 41 12.79 -8.56 17.90
CA SER B 41 12.21 -7.24 18.10
C SER B 41 11.44 -7.16 19.41
N HIS B 42 10.68 -8.21 19.73
CA HIS B 42 9.88 -8.19 20.94
C HIS B 42 10.74 -8.25 22.19
N PHE B 43 11.75 -9.12 22.21
CA PHE B 43 12.57 -9.27 23.40
C PHE B 43 13.52 -8.10 23.60
N TYR B 44 14.02 -7.49 22.52
CA TYR B 44 14.87 -6.32 22.67
C TYR B 44 14.10 -5.03 22.82
N ASN B 45 12.77 -5.07 22.67
CA ASN B 45 11.92 -3.89 22.82
C ASN B 45 12.33 -2.76 21.88
N ALA B 46 12.74 -3.13 20.66
CA ALA B 46 13.09 -2.17 19.63
C ALA B 46 12.15 -2.35 18.45
N LEU B 47 11.43 -1.30 18.10
CA LEU B 47 10.45 -1.37 17.03
C LEU B 47 10.09 0.02 16.55
N PRO B 48 10.10 0.27 15.24
CA PRO B 48 9.73 1.59 14.72
C PRO B 48 8.22 1.78 14.79
N THR B 49 7.79 2.73 15.62
CA THR B 49 6.36 2.97 15.80
C THR B 49 5.78 3.70 14.59
N ASP B 50 5.76 3.03 13.45
CA ASP B 50 5.19 3.59 12.23
C ASP B 50 4.59 2.45 11.41
N ILE B 51 4.28 2.73 10.14
CA ILE B 51 3.58 1.72 9.35
C ILE B 51 4.49 0.54 9.07
N VAL B 52 5.80 0.75 8.99
CA VAL B 52 6.72 -0.34 8.74
C VAL B 52 6.71 -1.31 9.92
N GLY B 53 6.85 -0.79 11.14
CA GLY B 53 6.76 -1.64 12.31
C GLY B 53 5.41 -2.32 12.41
N GLY B 54 4.34 -1.58 12.10
CA GLY B 54 3.01 -2.16 12.15
C GLY B 54 2.89 -3.36 11.23
N PHE B 55 3.26 -3.20 9.96
CA PHE B 55 3.21 -4.31 9.03
C PHE B 55 4.14 -5.44 9.44
N ALA B 56 5.33 -5.12 9.94
CA ALA B 56 6.26 -6.16 10.36
C ALA B 56 5.63 -7.05 11.42
N ILE B 57 4.94 -6.46 12.38
CA ILE B 57 4.24 -7.27 13.38
C ILE B 57 3.07 -8.02 12.74
N MET B 58 2.25 -7.31 11.96
CA MET B 58 0.92 -7.81 11.65
C MET B 58 0.94 -8.86 10.53
N PHE B 59 1.80 -8.71 9.52
CA PHE B 59 1.97 -9.83 8.57
C PHE B 59 2.36 -11.12 9.29
N ILE B 60 3.34 -11.06 10.17
CA ILE B 60 3.81 -12.28 10.82
C ILE B 60 2.70 -12.90 11.68
N ILE B 61 2.09 -12.08 12.54
CA ILE B 61 1.07 -12.61 13.45
C ILE B 61 -0.12 -13.13 12.67
N GLY B 62 -0.60 -12.35 11.70
CA GLY B 62 -1.72 -12.79 10.90
C GLY B 62 -1.42 -14.05 10.13
N ALA B 63 -0.22 -14.15 9.57
CA ALA B 63 0.13 -15.34 8.81
C ALA B 63 0.07 -16.58 9.69
N ILE B 64 0.77 -16.57 10.82
CA ILE B 64 0.83 -17.78 11.63
C ILE B 64 -0.56 -18.13 12.15
N PHE B 65 -1.30 -17.15 12.65
CA PHE B 65 -2.55 -17.48 13.29
C PHE B 65 -3.67 -17.77 12.30
N GLY B 66 -3.62 -17.17 11.11
CA GLY B 66 -4.54 -17.55 10.06
C GLY B 66 -4.28 -18.95 9.54
N GLU B 67 -3.01 -19.34 9.43
CA GLU B 67 -2.73 -20.72 9.06
C GLU B 67 -3.24 -21.68 10.13
N ILE B 68 -3.06 -21.34 11.41
CA ILE B 68 -3.60 -22.18 12.48
C ILE B 68 -5.12 -22.28 12.37
N GLY B 69 -5.78 -21.15 12.12
CA GLY B 69 -7.24 -21.15 12.02
C GLY B 69 -7.73 -21.97 10.84
N LYS B 70 -7.06 -21.86 9.70
CA LYS B 70 -7.45 -22.67 8.54
C LYS B 70 -7.23 -24.16 8.80
N ARG B 71 -6.12 -24.51 9.46
CA ARG B 71 -5.84 -25.93 9.68
C ARG B 71 -6.76 -26.53 10.74
N LEU B 72 -7.22 -25.72 11.68
CA LEU B 72 -8.12 -26.24 12.71
C LEU B 72 -9.43 -26.70 12.05
N PRO B 73 -9.78 -27.98 12.13
CA PRO B 73 -10.85 -28.51 11.27
C PRO B 73 -12.24 -27.92 11.54
N ILE B 74 -12.73 -28.10 12.77
CA ILE B 74 -14.10 -27.69 13.07
C ILE B 74 -14.21 -26.17 13.07
N PHE B 75 -13.22 -25.48 13.65
CA PHE B 75 -13.22 -24.03 13.64
C PHE B 75 -13.27 -23.50 12.22
N ASN B 76 -12.34 -23.98 11.37
CA ASN B 76 -12.30 -23.55 9.98
C ASN B 76 -13.62 -23.80 9.27
N LYS B 77 -14.17 -25.01 9.40
CA LYS B 77 -15.35 -25.35 8.62
C LYS B 77 -16.56 -24.53 9.06
N TYR B 78 -16.78 -24.38 10.37
CA TYR B 78 -18.04 -23.80 10.83
C TYR B 78 -17.87 -22.53 11.66
N ILE B 79 -16.98 -22.53 12.65
CA ILE B 79 -16.97 -21.43 13.62
C ILE B 79 -16.54 -20.14 12.95
N GLY B 80 -15.51 -20.20 12.13
CA GLY B 80 -15.01 -19.01 11.46
C GLY B 80 -13.68 -19.33 10.83
N GLY B 81 -13.21 -18.38 10.02
CA GLY B 81 -12.00 -18.57 9.25
C GLY B 81 -10.78 -17.97 9.90
N ALA B 82 -9.75 -17.82 9.08
CA ALA B 82 -8.55 -17.11 9.49
C ALA B 82 -8.83 -15.73 10.06
N PRO B 83 -9.72 -14.90 9.49
CA PRO B 83 -9.99 -13.60 10.13
C PRO B 83 -10.49 -13.72 11.56
N VAL B 84 -11.44 -14.62 11.82
CA VAL B 84 -11.98 -14.76 13.16
C VAL B 84 -10.90 -15.25 14.12
N MET B 85 -10.17 -16.30 13.72
CA MET B 85 -9.11 -16.81 14.57
C MET B 85 -8.09 -15.73 14.87
N ILE B 86 -7.74 -14.94 13.85
CA ILE B 86 -6.70 -13.93 13.98
C ILE B 86 -7.12 -12.85 14.96
N PHE B 87 -8.32 -12.30 14.80
CA PHE B 87 -8.60 -11.17 15.68
C PHE B 87 -8.92 -11.65 17.08
N LEU B 88 -9.46 -12.85 17.24
CA LEU B 88 -9.62 -13.40 18.59
C LEU B 88 -8.28 -13.56 19.28
N VAL B 89 -7.29 -14.10 18.56
CA VAL B 89 -5.98 -14.31 19.17
C VAL B 89 -5.30 -12.98 19.46
N ALA B 90 -5.41 -12.01 18.55
CA ALA B 90 -4.81 -10.69 18.80
C ALA B 90 -5.44 -10.02 20.01
N ALA B 91 -6.77 -10.11 20.13
CA ALA B 91 -7.43 -9.55 21.30
C ALA B 91 -6.96 -10.24 22.58
N TYR B 92 -6.80 -11.56 22.54
CA TYR B 92 -6.28 -12.26 23.71
C TYR B 92 -4.87 -11.81 24.04
N PHE B 93 -4.04 -11.60 23.02
CA PHE B 93 -2.67 -11.14 23.25
C PHE B 93 -2.66 -9.77 23.92
N VAL B 94 -3.52 -8.86 23.46
CA VAL B 94 -3.62 -7.55 24.10
C VAL B 94 -4.11 -7.69 25.54
N TYR B 95 -5.12 -8.55 25.75
CA TYR B 95 -5.70 -8.69 27.08
C TYR B 95 -4.71 -9.26 28.07
N ALA B 96 -3.92 -10.25 27.66
CA ALA B 96 -2.99 -10.93 28.55
C ALA B 96 -1.68 -10.19 28.73
N GLY B 97 -1.49 -9.06 28.07
CA GLY B 97 -0.26 -8.31 28.20
C GLY B 97 0.91 -8.83 27.42
N ILE B 98 0.68 -9.79 26.50
CA ILE B 98 1.78 -10.34 25.71
C ILE B 98 2.37 -9.27 24.81
N PHE B 99 1.52 -8.49 24.14
CA PHE B 99 2.01 -7.42 23.28
C PHE B 99 2.72 -6.34 24.09
N THR B 100 3.88 -5.94 23.62
CA THR B 100 4.60 -4.83 24.24
C THR B 100 3.87 -3.53 23.94
N GLN B 101 4.04 -2.55 24.83
CA GLN B 101 3.42 -1.25 24.63
C GLN B 101 3.85 -0.63 23.31
N LYS B 102 5.12 -0.83 22.93
CA LYS B 102 5.59 -0.29 21.65
C LYS B 102 4.85 -0.94 20.48
N GLU B 103 4.64 -2.27 20.55
CA GLU B 103 3.93 -2.94 19.48
C GLU B 103 2.47 -2.50 19.41
N ILE B 104 1.84 -2.32 20.57
CA ILE B 104 0.47 -1.82 20.60
C ILE B 104 0.40 -0.43 20.00
N ASP B 105 1.37 0.43 20.33
CA ASP B 105 1.41 1.77 19.76
C ASP B 105 1.59 1.72 18.25
N ALA B 106 2.46 0.84 17.76
CA ALA B 106 2.66 0.75 16.31
C ALA B 106 1.40 0.27 15.60
N ILE B 107 0.73 -0.73 16.15
CA ILE B 107 -0.48 -1.24 15.50
C ILE B 107 -1.59 -0.21 15.54
N SER B 108 -1.74 0.50 16.67
CA SER B 108 -2.75 1.54 16.75
C SER B 108 -2.40 2.73 15.85
N ASN B 109 -1.12 2.97 15.62
CA ASN B 109 -0.71 4.00 14.66
C ASN B 109 -1.10 3.59 13.24
N VAL B 110 -0.93 2.31 12.92
CA VAL B 110 -1.31 1.84 11.59
C VAL B 110 -2.82 1.92 11.40
N MET B 111 -3.59 1.53 12.41
CA MET B 111 -5.03 1.41 12.26
C MET B 111 -5.80 2.70 12.51
N ASP B 112 -5.28 3.61 13.34
CA ASP B 112 -6.03 4.79 13.75
C ASP B 112 -5.39 6.07 13.23
N LYS B 113 -4.12 6.32 13.53
CA LYS B 113 -3.48 7.55 13.07
C LYS B 113 -3.36 7.56 11.55
N SER B 114 -2.81 6.49 10.97
CA SER B 114 -2.78 6.37 9.52
C SER B 114 -4.13 6.02 8.94
N ASN B 115 -5.01 5.40 9.74
CA ASN B 115 -6.36 5.06 9.32
C ASN B 115 -6.36 4.13 8.10
N PHE B 116 -5.66 3.00 8.25
CA PHE B 116 -5.60 2.00 7.20
C PHE B 116 -6.94 1.31 6.98
N LEU B 117 -7.79 1.28 8.00
CA LEU B 117 -9.10 0.63 7.86
C LEU B 117 -9.95 1.34 6.82
N ASN B 118 -9.95 2.67 6.82
CA ASN B 118 -10.76 3.41 5.85
C ASN B 118 -10.24 3.19 4.43
N LEU B 119 -8.92 3.16 4.25
CA LEU B 119 -8.37 2.86 2.93
C LEU B 119 -8.77 1.46 2.47
N PHE B 120 -8.72 0.49 3.38
CA PHE B 120 -9.11 -0.88 3.04
C PHE B 120 -10.57 -0.92 2.62
N ILE B 121 -11.44 -0.27 3.37
CA ILE B 121 -12.87 -0.28 3.06
C ILE B 121 -13.14 0.44 1.74
N ALA B 122 -12.45 1.55 1.49
CA ALA B 122 -12.62 2.26 0.23
C ALA B 122 -12.21 1.40 -0.96
N VAL B 123 -11.07 0.71 -0.84
CA VAL B 123 -10.63 -0.16 -1.93
C VAL B 123 -11.64 -1.29 -2.15
N LEU B 124 -12.13 -1.89 -1.07
CA LEU B 124 -13.14 -2.94 -1.21
C LEU B 124 -14.39 -2.42 -1.92
N ILE B 125 -14.89 -1.26 -1.51
CA ILE B 125 -16.13 -0.74 -2.09
C ILE B 125 -15.92 -0.45 -3.58
N THR B 126 -14.83 0.23 -3.92
CA THR B 126 -14.62 0.59 -5.31
C THR B 126 -14.43 -0.66 -6.17
N GLY B 127 -13.70 -1.65 -5.67
CA GLY B 127 -13.54 -2.87 -6.45
C GLY B 127 -14.87 -3.57 -6.65
N ALA B 128 -15.64 -3.73 -5.58
CA ALA B 128 -16.88 -4.47 -5.66
C ALA B 128 -17.90 -3.82 -6.57
N ILE B 129 -17.92 -2.49 -6.65
CA ILE B 129 -18.93 -1.79 -7.44
C ILE B 129 -18.43 -1.50 -8.86
N LEU B 130 -17.21 -1.00 -9.02
CA LEU B 130 -16.70 -0.73 -10.36
C LEU B 130 -16.43 -1.99 -11.15
N SER B 131 -16.09 -3.10 -10.48
CA SER B 131 -15.75 -4.32 -11.20
C SER B 131 -16.94 -4.84 -12.01
N VAL B 132 -18.16 -4.54 -11.58
CA VAL B 132 -19.34 -5.05 -12.25
C VAL B 132 -19.51 -4.36 -13.60
N ASN B 133 -19.85 -5.15 -14.62
CA ASN B 133 -20.15 -4.60 -15.93
C ASN B 133 -21.35 -3.66 -15.83
N ARG B 134 -21.30 -2.57 -16.61
CA ARG B 134 -22.30 -1.51 -16.49
C ARG B 134 -23.70 -2.01 -16.86
N ARG B 135 -23.81 -2.64 -18.04
CA ARG B 135 -25.12 -3.10 -18.49
C ARG B 135 -25.67 -4.18 -17.58
N LEU B 136 -24.82 -5.12 -17.15
CA LEU B 136 -25.27 -6.17 -16.24
C LEU B 136 -25.73 -5.58 -14.92
N LEU B 137 -25.01 -4.59 -14.40
CA LEU B 137 -25.40 -3.94 -13.15
C LEU B 137 -26.75 -3.26 -13.30
N LEU B 138 -26.93 -2.50 -14.39
CA LEU B 138 -28.19 -1.79 -14.59
C LEU B 138 -29.34 -2.76 -14.80
N LYS B 139 -29.08 -3.92 -15.38
CA LYS B 139 -30.15 -4.91 -15.53
C LYS B 139 -30.44 -5.62 -14.22
N SER B 140 -29.41 -5.85 -13.39
CA SER B 140 -29.59 -6.59 -12.15
C SER B 140 -30.31 -5.77 -11.09
N LEU B 141 -29.97 -4.48 -10.96
CA LEU B 141 -30.52 -3.68 -9.87
C LEU B 141 -32.05 -3.61 -9.89
N LEU B 142 -32.68 -3.84 -11.04
CA LEU B 142 -34.14 -3.83 -11.09
C LEU B 142 -34.76 -5.00 -10.33
N GLY B 143 -34.00 -6.04 -10.03
CA GLY B 143 -34.56 -7.18 -9.33
C GLY B 143 -33.78 -7.65 -8.13
N TYR B 144 -32.55 -7.18 -7.99
CA TYR B 144 -31.68 -7.61 -6.89
C TYR B 144 -31.80 -6.72 -5.67
N ILE B 145 -31.93 -5.40 -5.85
CA ILE B 145 -32.13 -4.51 -4.71
C ILE B 145 -33.41 -4.85 -3.96
N PRO B 146 -34.56 -5.10 -4.60
CA PRO B 146 -35.73 -5.52 -3.83
C PRO B 146 -35.50 -6.78 -3.03
N THR B 147 -34.66 -7.70 -3.50
CA THR B 147 -34.33 -8.87 -2.72
C THR B 147 -33.62 -8.48 -1.42
N ILE B 148 -32.67 -7.54 -1.50
CA ILE B 148 -31.98 -7.06 -0.31
C ILE B 148 -32.97 -6.39 0.64
N LEU B 149 -33.86 -5.56 0.11
CA LEU B 149 -34.83 -4.89 0.96
C LEU B 149 -35.77 -5.89 1.64
N MET B 150 -36.21 -6.92 0.90
CA MET B 150 -37.06 -7.94 1.48
C MET B 150 -36.32 -8.71 2.57
N GLY B 151 -35.05 -9.04 2.35
CA GLY B 151 -34.27 -9.69 3.39
C GLY B 151 -34.15 -8.84 4.63
N ILE B 152 -33.90 -7.55 4.46
CA ILE B 152 -33.76 -6.65 5.60
C ILE B 152 -35.07 -6.56 6.37
N VAL B 153 -36.20 -6.42 5.65
CA VAL B 153 -37.48 -6.28 6.35
C VAL B 153 -37.86 -7.57 7.04
N GLY B 154 -37.57 -8.72 6.43
CA GLY B 154 -37.83 -9.99 7.10
C GLY B 154 -37.00 -10.16 8.35
N ALA B 155 -35.71 -9.79 8.27
CA ALA B 155 -34.86 -9.86 9.45
C ALA B 155 -35.38 -8.95 10.54
N SER B 156 -35.81 -7.73 10.18
CA SER B 156 -36.34 -6.82 11.18
C SER B 156 -37.60 -7.37 11.83
N ILE B 157 -38.50 -7.94 11.03
CA ILE B 157 -39.75 -8.49 11.58
C ILE B 157 -39.44 -9.63 12.54
N PHE B 158 -38.57 -10.55 12.13
CA PHE B 158 -38.25 -11.68 13.00
C PHE B 158 -37.54 -11.21 14.27
N GLY B 159 -36.65 -10.22 14.15
CA GLY B 159 -35.99 -9.70 15.33
C GLY B 159 -36.95 -9.04 16.29
N ILE B 160 -37.91 -8.28 15.78
CA ILE B 160 -38.91 -7.67 16.64
C ILE B 160 -39.74 -8.74 17.35
N ALA B 161 -40.14 -9.78 16.61
CA ALA B 161 -40.92 -10.86 17.22
C ALA B 161 -40.14 -11.55 18.33
N ILE B 162 -38.88 -11.90 18.06
CA ILE B 162 -38.10 -12.61 19.07
C ILE B 162 -37.77 -11.70 20.25
N GLY B 163 -37.62 -10.40 20.02
CA GLY B 163 -37.41 -9.48 21.12
C GLY B 163 -38.64 -9.35 21.99
N LEU B 164 -39.82 -9.31 21.38
CA LEU B 164 -41.05 -9.33 22.17
C LEU B 164 -41.18 -10.61 22.97
N VAL B 165 -40.77 -11.74 22.37
CA VAL B 165 -40.78 -13.01 23.10
C VAL B 165 -39.84 -12.94 24.31
N PHE B 166 -38.64 -12.39 24.11
CA PHE B 166 -37.65 -12.31 25.17
C PHE B 166 -37.80 -11.07 26.05
N GLY B 167 -38.75 -10.18 25.73
CA GLY B 167 -38.99 -9.00 26.52
C GLY B 167 -38.10 -7.81 26.20
N ILE B 168 -37.18 -7.93 25.26
CA ILE B 168 -36.34 -6.80 24.86
C ILE B 168 -37.21 -5.76 24.16
N PRO B 169 -37.03 -4.47 24.44
CA PRO B 169 -37.85 -3.45 23.77
C PRO B 169 -37.60 -3.44 22.27
N VAL B 170 -38.63 -2.98 21.54
CA VAL B 170 -38.55 -2.98 20.08
C VAL B 170 -37.42 -2.06 19.62
N ASP B 171 -37.33 -0.87 20.21
CA ASP B 171 -36.28 0.06 19.82
C ASP B 171 -34.89 -0.49 20.12
N ARG B 172 -34.72 -1.12 21.28
CA ARG B 172 -33.43 -1.72 21.62
C ARG B 172 -33.07 -2.84 20.64
N ILE B 173 -34.04 -3.70 20.33
CA ILE B 173 -33.79 -4.77 19.37
C ILE B 173 -33.36 -4.19 18.04
N MET B 174 -34.12 -3.23 17.53
CA MET B 174 -33.84 -2.67 16.21
C MET B 174 -32.48 -1.99 16.19
N MET B 175 -32.13 -1.26 17.25
CA MET B 175 -30.89 -0.51 17.27
C MET B 175 -29.67 -1.41 17.47
N LEU B 176 -29.80 -2.51 18.21
CA LEU B 176 -28.63 -3.25 18.65
C LEU B 176 -28.44 -4.59 17.96
N TYR B 177 -29.50 -5.21 17.44
CA TYR B 177 -29.39 -6.55 16.86
C TYR B 177 -29.66 -6.53 15.36
N VAL B 178 -30.78 -5.95 14.93
CA VAL B 178 -31.15 -6.00 13.52
C VAL B 178 -30.15 -5.22 12.67
N LEU B 179 -29.97 -3.93 12.99
CA LEU B 179 -29.11 -3.10 12.15
C LEU B 179 -27.64 -3.54 12.19
N PRO B 180 -27.01 -3.78 13.35
CA PRO B 180 -25.62 -4.22 13.32
C PRO B 180 -25.39 -5.53 12.58
N ILE B 181 -26.31 -6.48 12.70
CA ILE B 181 -26.17 -7.74 11.99
C ILE B 181 -26.32 -7.52 10.49
N MET B 182 -27.39 -6.85 10.08
CA MET B 182 -27.69 -6.70 8.66
C MET B 182 -26.79 -5.69 7.97
N GLY B 183 -25.98 -4.95 8.72
CA GLY B 183 -25.00 -4.07 8.12
C GLY B 183 -23.78 -4.85 7.66
N GLY B 184 -22.75 -4.09 7.26
CA GLY B 184 -21.51 -4.69 6.85
C GLY B 184 -20.70 -5.22 8.02
N GLY B 185 -19.38 -5.24 7.88
CA GLY B 185 -18.53 -5.76 8.92
C GLY B 185 -18.10 -4.73 9.94
N ASN B 186 -16.86 -4.85 10.42
CA ASN B 186 -16.34 -3.90 11.40
C ASN B 186 -16.08 -2.54 10.76
N GLY B 187 -15.40 -2.52 9.61
CA GLY B 187 -15.02 -1.25 9.02
C GLY B 187 -16.22 -0.44 8.57
N ALA B 188 -17.17 -1.08 7.89
CA ALA B 188 -18.41 -0.45 7.49
C ALA B 188 -19.55 -1.25 8.11
N GLY B 189 -20.44 -0.56 8.82
CA GLY B 189 -21.56 -1.20 9.47
C GLY B 189 -21.41 -1.38 10.96
N ALA B 190 -20.21 -1.20 11.53
CA ALA B 190 -20.05 -1.19 12.98
C ALA B 190 -19.61 0.17 13.50
N VAL B 191 -18.47 0.67 13.04
CA VAL B 191 -18.02 2.00 13.45
C VAL B 191 -18.85 3.10 12.76
N PRO B 192 -19.31 2.95 11.50
CA PRO B 192 -20.24 3.96 10.99
C PRO B 192 -21.54 3.99 11.77
N LEU B 193 -22.05 2.83 12.17
CA LEU B 193 -23.27 2.80 12.97
C LEU B 193 -23.05 3.43 14.33
N SER B 194 -21.88 3.18 14.93
CA SER B 194 -21.56 3.84 16.20
C SER B 194 -21.52 5.35 16.04
N GLU B 195 -20.89 5.83 14.96
CA GLU B 195 -20.81 7.27 14.73
C GLU B 195 -22.19 7.87 14.52
N ILE B 196 -23.04 7.21 13.74
CA ILE B 196 -24.39 7.72 13.51
C ILE B 196 -25.20 7.72 14.80
N TYR B 197 -25.06 6.66 15.61
CA TYR B 197 -25.75 6.60 16.89
C TYR B 197 -25.34 7.76 17.79
N HIS B 198 -24.03 8.02 17.87
CA HIS B 198 -23.56 9.13 18.69
C HIS B 198 -24.07 10.47 18.15
N SER B 199 -24.05 10.65 16.83
CA SER B 199 -24.43 11.93 16.26
C SER B 199 -25.92 12.20 16.42
N VAL B 200 -26.75 11.16 16.33
CA VAL B 200 -28.19 11.34 16.36
C VAL B 200 -28.71 11.30 17.79
N THR B 201 -28.52 10.18 18.48
CA THR B 201 -29.08 10.01 19.80
C THR B 201 -28.23 10.64 20.91
N GLY B 202 -27.00 11.04 20.61
CA GLY B 202 -26.17 11.70 21.60
C GLY B 202 -25.83 10.82 22.79
N ARG B 203 -25.51 9.56 22.55
CA ARG B 203 -25.12 8.64 23.61
C ARG B 203 -23.74 8.06 23.33
N SER B 204 -23.23 7.29 24.29
CA SER B 204 -21.85 6.84 24.23
C SER B 204 -21.63 5.90 23.05
N ARG B 205 -20.47 6.05 22.40
CA ARG B 205 -20.13 5.21 21.26
C ARG B 205 -19.73 3.80 21.69
N GLU B 206 -18.93 3.71 22.76
CA GLU B 206 -18.25 2.45 23.06
C GLU B 206 -19.22 1.38 23.57
N GLU B 207 -20.17 1.76 24.42
CA GLU B 207 -21.11 0.78 24.94
C GLU B 207 -21.98 0.22 23.82
N TYR B 208 -22.36 1.06 22.86
CA TYR B 208 -23.06 0.56 21.68
C TYR B 208 -22.16 -0.35 20.87
N TYR B 209 -20.90 0.07 20.67
CA TYR B 209 -20.02 -0.65 19.74
C TYR B 209 -19.67 -2.04 20.24
N SER B 210 -19.47 -2.19 21.55
CA SER B 210 -19.10 -3.50 22.09
C SER B 210 -20.22 -4.52 21.85
N THR B 211 -21.45 -4.16 22.22
CA THR B 211 -22.57 -5.05 21.99
C THR B 211 -22.77 -5.31 20.50
N ALA B 212 -22.60 -4.26 19.68
CA ALA B 212 -22.78 -4.42 18.24
C ALA B 212 -21.80 -5.42 17.68
N ILE B 213 -20.53 -5.31 18.05
CA ILE B 213 -19.52 -6.21 17.50
C ILE B 213 -19.72 -7.64 18.01
N ALA B 214 -20.13 -7.79 19.27
CA ALA B 214 -20.37 -9.13 19.79
C ALA B 214 -21.52 -9.82 19.06
N ILE B 215 -22.64 -9.10 18.90
CA ILE B 215 -23.78 -9.67 18.20
C ILE B 215 -23.42 -9.93 16.74
N LEU B 216 -22.60 -9.06 16.15
CA LEU B 216 -22.17 -9.26 14.77
C LEU B 216 -21.37 -10.54 14.62
N THR B 217 -20.46 -10.81 15.55
CA THR B 217 -19.66 -12.04 15.49
C THR B 217 -20.54 -13.27 15.66
N ILE B 218 -21.47 -13.23 16.61
CA ILE B 218 -22.36 -14.38 16.80
C ILE B 218 -23.20 -14.61 15.56
N ALA B 219 -23.70 -13.53 14.95
CA ALA B 219 -24.48 -13.66 13.72
C ALA B 219 -23.64 -14.21 12.58
N ASN B 220 -22.37 -13.84 12.52
CA ASN B 220 -21.48 -14.40 11.51
C ASN B 220 -21.37 -15.91 11.66
N ILE B 221 -21.15 -16.37 12.89
CA ILE B 221 -21.05 -17.81 13.14
C ILE B 221 -22.33 -18.52 12.70
N PHE B 222 -23.47 -17.99 13.13
CA PHE B 222 -24.73 -18.63 12.79
C PHE B 222 -25.03 -18.57 11.31
N ALA B 223 -24.60 -17.50 10.64
CA ALA B 223 -24.80 -17.39 9.20
C ALA B 223 -23.99 -18.43 8.45
N ILE B 224 -22.75 -18.68 8.87
CA ILE B 224 -21.96 -19.73 8.23
C ILE B 224 -22.63 -21.10 8.44
N VAL B 225 -23.08 -21.37 9.67
CA VAL B 225 -23.72 -22.65 9.94
C VAL B 225 -24.98 -22.82 9.09
N PHE B 226 -25.81 -21.77 9.02
CA PHE B 226 -27.03 -21.85 8.24
C PHE B 226 -26.75 -21.92 6.75
N ALA B 227 -25.63 -21.36 6.30
CA ALA B 227 -25.24 -21.53 4.91
C ALA B 227 -24.92 -22.98 4.60
N ALA B 228 -24.21 -23.65 5.50
CA ALA B 228 -23.98 -25.08 5.31
C ALA B 228 -25.29 -25.86 5.29
N VAL B 229 -26.20 -25.51 6.20
CA VAL B 229 -27.51 -26.18 6.24
C VAL B 229 -28.28 -25.94 4.94
N LEU B 230 -28.20 -24.72 4.41
CA LEU B 230 -28.89 -24.40 3.16
C LEU B 230 -28.29 -25.17 2.00
N ASP B 231 -26.97 -25.35 1.98
CA ASP B 231 -26.36 -26.17 0.94
C ASP B 231 -26.86 -27.60 1.02
N ILE B 232 -26.95 -28.15 2.24
CA ILE B 232 -27.45 -29.51 2.41
C ILE B 232 -28.89 -29.63 1.92
N ILE B 233 -29.75 -28.67 2.30
CA ILE B 233 -31.15 -28.75 1.91
C ILE B 233 -31.31 -28.53 0.41
N GLY B 234 -30.42 -27.74 -0.20
CA GLY B 234 -30.45 -27.60 -1.63
C GLY B 234 -30.05 -28.87 -2.36
N LYS B 235 -29.05 -29.58 -1.84
CA LYS B 235 -28.74 -30.89 -2.37
C LYS B 235 -29.93 -31.84 -2.21
N LYS B 236 -30.65 -31.71 -1.10
CA LYS B 236 -31.82 -32.56 -0.87
C LYS B 236 -32.91 -32.30 -1.90
N HIS B 237 -33.43 -31.08 -1.93
CA HIS B 237 -34.50 -30.70 -2.84
C HIS B 237 -33.92 -29.93 -4.02
N THR B 238 -34.08 -30.47 -5.22
CA THR B 238 -33.43 -29.91 -6.40
C THR B 238 -34.11 -28.64 -6.89
N TRP B 239 -35.43 -28.56 -6.74
CA TRP B 239 -36.17 -27.45 -7.36
C TRP B 239 -35.88 -26.11 -6.70
N LEU B 240 -35.23 -26.10 -5.54
CA LEU B 240 -34.77 -24.85 -4.94
C LEU B 240 -33.30 -24.56 -5.19
N SER B 241 -32.51 -25.57 -5.55
CA SER B 241 -31.06 -25.46 -5.57
C SER B 241 -30.55 -24.39 -6.53
N GLY B 242 -30.76 -24.60 -7.83
CA GLY B 242 -30.21 -23.72 -8.84
C GLY B 242 -28.82 -24.08 -9.30
N GLU B 243 -28.12 -24.98 -8.59
CA GLU B 243 -26.80 -25.46 -8.98
C GLU B 243 -25.82 -24.32 -9.20
N GLY B 244 -25.80 -23.37 -8.27
CA GLY B 244 -24.81 -22.30 -8.30
C GLY B 244 -25.13 -21.15 -9.22
N GLU B 245 -26.32 -21.11 -9.82
CA GLU B 245 -26.72 -20.03 -10.71
C GLU B 245 -27.87 -19.26 -10.08
N LEU B 246 -27.75 -17.93 -10.08
CA LEU B 246 -28.73 -17.10 -9.38
C LEU B 246 -29.98 -16.90 -10.23
N VAL B 247 -29.83 -16.39 -11.44
CA VAL B 247 -30.99 -16.11 -12.29
C VAL B 247 -31.62 -17.41 -12.75
N ARG B 248 -32.92 -17.36 -13.03
CA ARG B 248 -33.70 -18.50 -13.48
C ARG B 248 -34.48 -18.16 -14.73
N LYS B 249 -33.80 -17.53 -15.70
CA LYS B 249 -34.41 -17.10 -16.96
C LYS B 249 -33.54 -17.61 -18.11
N ALA B 250 -33.82 -18.83 -18.55
CA ALA B 250 -33.14 -19.46 -19.69
C ALA B 250 -31.63 -19.58 -19.47
N SER B 251 -31.17 -19.41 -18.24
CA SER B 251 -29.75 -19.52 -17.89
C SER B 251 -28.89 -18.61 -18.76
N PHE B 252 -29.38 -17.39 -19.00
CA PHE B 252 -28.68 -16.37 -19.78
C PHE B 252 -28.34 -16.89 -21.18
N LYS B 253 -29.42 -17.14 -21.93
CA LYS B 253 -29.27 -17.66 -23.29
C LYS B 253 -28.50 -16.69 -24.19
N VAL B 254 -28.80 -15.40 -24.08
CA VAL B 254 -28.14 -14.37 -24.88
C VAL B 254 -27.41 -13.44 -23.92
N GLU B 255 -26.10 -13.30 -24.12
CA GLU B 255 -25.29 -12.43 -23.29
C GLU B 255 -24.02 -12.07 -24.04
N GLU B 256 -23.60 -10.81 -23.91
CA GLU B 256 -22.38 -10.31 -24.54
C GLU B 256 -21.58 -9.53 -23.52
N ASP B 257 -20.25 -9.66 -23.60
CA ASP B 257 -19.34 -8.98 -22.70
C ASP B 257 -18.24 -8.28 -23.50
N GLU B 258 -17.91 -7.06 -23.07
CA GLU B 258 -16.84 -6.31 -23.74
C GLU B 258 -15.48 -6.90 -23.38
N LYS B 259 -14.61 -6.99 -24.39
CA LYS B 259 -13.27 -7.49 -24.16
C LYS B 259 -12.49 -6.55 -23.26
N THR B 260 -11.76 -7.12 -22.29
CA THR B 260 -11.04 -6.33 -21.31
C THR B 260 -9.68 -5.87 -21.78
N GLY B 261 -9.09 -6.56 -22.76
CA GLY B 261 -7.76 -6.20 -23.21
C GLY B 261 -6.67 -6.73 -22.29
N GLN B 262 -5.69 -5.88 -21.97
CA GLN B 262 -4.57 -6.27 -21.13
C GLN B 262 -4.54 -5.42 -19.87
N ILE B 263 -4.23 -6.04 -18.74
CA ILE B 263 -4.24 -5.40 -17.44
C ILE B 263 -2.81 -5.15 -17.01
N THR B 264 -2.54 -3.96 -16.49
CA THR B 264 -1.17 -3.57 -16.14
C THR B 264 -1.14 -2.87 -14.78
N HIS B 265 0.09 -2.65 -14.30
CA HIS B 265 0.30 -1.93 -13.06
C HIS B 265 -0.27 -0.52 -13.13
N ARG B 266 -0.26 0.09 -14.31
CA ARG B 266 -0.84 1.41 -14.45
C ARG B 266 -2.35 1.38 -14.21
N GLU B 267 -3.03 0.35 -14.72
CA GLU B 267 -4.45 0.21 -14.45
C GLU B 267 -4.72 -0.07 -12.98
N THR B 268 -3.85 -0.86 -12.34
CA THR B 268 -4.00 -1.07 -10.89
C THR B 268 -3.85 0.24 -10.12
N ALA B 269 -2.85 1.05 -10.47
CA ALA B 269 -2.68 2.34 -9.81
C ALA B 269 -3.84 3.27 -10.09
N VAL B 270 -4.41 3.21 -11.29
CA VAL B 270 -5.59 4.02 -11.60
C VAL B 270 -6.76 3.57 -10.73
N GLY B 271 -6.88 2.27 -10.49
CA GLY B 271 -7.89 1.79 -9.56
C GLY B 271 -7.70 2.35 -8.16
N LEU B 272 -6.45 2.39 -7.70
CA LEU B 272 -6.18 3.00 -6.40
C LEU B 272 -6.55 4.47 -6.37
N VAL B 273 -6.21 5.19 -7.43
CA VAL B 273 -6.54 6.62 -7.52
C VAL B 273 -8.04 6.81 -7.46
N LEU B 274 -8.79 6.00 -8.21
CA LEU B 274 -10.24 6.12 -8.22
C LEU B 274 -10.83 5.81 -6.86
N SER B 275 -10.32 4.78 -6.18
CA SER B 275 -10.78 4.46 -4.83
C SER B 275 -10.61 5.67 -3.92
N THR B 276 -9.40 6.23 -3.88
CA THR B 276 -9.12 7.30 -2.94
C THR B 276 -9.90 8.56 -3.30
N THR B 277 -10.02 8.87 -4.59
CA THR B 277 -10.75 10.06 -5.02
C THR B 277 -12.24 9.93 -4.72
N CYS B 278 -12.81 8.74 -4.95
CA CYS B 278 -14.22 8.55 -4.62
C CYS B 278 -14.44 8.70 -3.11
N PHE B 279 -13.54 8.15 -2.30
CA PHE B 279 -13.68 8.33 -0.86
C PHE B 279 -13.61 9.81 -0.48
N LEU B 280 -12.68 10.55 -1.07
CA LEU B 280 -12.56 11.97 -0.74
C LEU B 280 -13.80 12.74 -1.15
N LEU B 281 -14.33 12.46 -2.34
CA LEU B 281 -15.55 13.14 -2.79
C LEU B 281 -16.72 12.82 -1.88
N ALA B 282 -16.86 11.56 -1.47
CA ALA B 282 -17.93 11.20 -0.56
C ALA B 282 -17.78 11.92 0.78
N TYR B 283 -16.56 12.01 1.29
CA TYR B 283 -16.33 12.71 2.55
C TYR B 283 -16.72 14.16 2.44
N VAL B 284 -16.31 14.82 1.36
CA VAL B 284 -16.64 16.23 1.17
C VAL B 284 -18.14 16.42 1.06
N VAL B 285 -18.82 15.57 0.28
CA VAL B 285 -20.26 15.71 0.09
C VAL B 285 -21.00 15.49 1.41
N ALA B 286 -20.60 14.48 2.18
CA ALA B 286 -21.31 14.16 3.41
C ALA B 286 -21.00 15.15 4.52
N LYS B 287 -19.85 15.84 4.46
CA LYS B 287 -19.50 16.75 5.54
C LYS B 287 -19.94 18.18 5.27
N LYS B 288 -19.76 18.68 4.05
CA LYS B 288 -20.00 20.09 3.77
C LYS B 288 -21.11 20.33 2.76
N ILE B 289 -21.06 19.65 1.62
CA ILE B 289 -22.00 19.97 0.54
C ILE B 289 -23.42 19.60 0.92
N LEU B 290 -23.67 18.31 1.16
CA LEU B 290 -25.01 17.80 1.40
C LEU B 290 -25.02 16.93 2.65
N PRO B 291 -24.89 17.54 3.83
CA PRO B 291 -24.90 16.74 5.06
C PRO B 291 -26.20 16.01 5.29
N SER B 292 -27.33 16.54 4.85
CA SER B 292 -28.62 15.92 5.08
C SER B 292 -29.51 16.16 3.87
N ILE B 293 -29.88 15.08 3.18
CA ILE B 293 -30.78 15.22 2.03
C ILE B 293 -32.16 15.64 2.49
N GLY B 294 -32.62 15.13 3.63
CA GLY B 294 -33.84 15.57 4.25
C GLY B 294 -33.63 15.79 5.73
N GLY B 295 -34.53 15.26 6.56
CA GLY B 295 -34.25 15.24 7.99
C GLY B 295 -33.18 14.24 8.37
N VAL B 296 -32.93 13.25 7.52
CA VAL B 296 -31.96 12.20 7.80
C VAL B 296 -30.57 12.67 7.39
N ALA B 297 -29.55 12.19 8.11
CA ALA B 297 -28.16 12.45 7.79
C ALA B 297 -27.54 11.21 7.17
N ILE B 298 -26.85 11.39 6.05
CA ILE B 298 -26.28 10.29 5.29
C ILE B 298 -24.80 10.18 5.59
N HIS B 299 -24.33 8.95 5.82
CA HIS B 299 -22.94 8.72 6.12
C HIS B 299 -22.11 8.69 4.83
N TYR B 300 -20.83 9.04 4.98
CA TYR B 300 -19.99 9.14 3.79
C TYR B 300 -19.71 7.80 3.15
N PHE B 301 -19.90 6.69 3.87
CA PHE B 301 -19.75 5.39 3.22
C PHE B 301 -20.91 5.11 2.26
N ALA B 302 -22.14 5.41 2.69
CA ALA B 302 -23.27 5.31 1.77
C ALA B 302 -23.11 6.28 0.62
N TRP B 303 -22.62 7.49 0.90
CA TRP B 303 -22.36 8.43 -0.19
C TRP B 303 -21.33 7.90 -1.15
N MET B 304 -20.27 7.24 -0.64
CA MET B 304 -19.25 6.68 -1.52
C MET B 304 -19.81 5.56 -2.37
N VAL B 305 -20.66 4.72 -1.79
CA VAL B 305 -21.30 3.66 -2.57
C VAL B 305 -22.09 4.27 -3.72
N LEU B 306 -22.87 5.32 -3.41
CA LEU B 306 -23.66 5.96 -4.46
C LEU B 306 -22.77 6.60 -5.52
N ILE B 307 -21.68 7.25 -5.11
CA ILE B 307 -20.79 7.92 -6.06
C ILE B 307 -20.12 6.90 -6.97
N VAL B 308 -19.66 5.78 -6.42
CA VAL B 308 -19.01 4.78 -7.25
C VAL B 308 -20.01 4.12 -8.20
N ALA B 309 -21.24 3.90 -7.73
CA ALA B 309 -22.27 3.38 -8.63
C ALA B 309 -22.55 4.35 -9.77
N ALA B 310 -22.63 5.65 -9.45
CA ALA B 310 -22.85 6.65 -10.49
C ALA B 310 -21.68 6.70 -11.47
N LEU B 311 -20.46 6.59 -10.96
CA LEU B 311 -19.28 6.58 -11.83
C LEU B 311 -19.31 5.38 -12.76
N ASN B 312 -19.69 4.22 -12.24
CA ASN B 312 -19.84 3.04 -13.09
C ASN B 312 -20.91 3.26 -14.15
N ALA B 313 -22.04 3.85 -13.76
CA ALA B 313 -23.12 4.07 -14.71
C ALA B 313 -22.76 5.09 -15.79
N SER B 314 -21.91 6.06 -15.45
CA SER B 314 -21.57 7.11 -16.40
C SER B 314 -20.73 6.58 -17.56
N GLY B 315 -19.95 5.54 -17.34
CA GLY B 315 -19.12 4.98 -18.38
C GLY B 315 -17.78 5.67 -18.56
N LEU B 316 -17.40 6.55 -17.65
CA LEU B 316 -16.09 7.20 -17.77
C LEU B 316 -14.95 6.18 -17.65
N CYS B 317 -15.11 5.21 -16.76
CA CYS B 317 -14.07 4.22 -16.55
C CYS B 317 -14.01 3.24 -17.72
N SER B 318 -12.81 2.99 -18.22
CA SER B 318 -12.61 2.01 -19.27
C SER B 318 -12.67 0.60 -18.68
N PRO B 319 -12.94 -0.41 -19.52
CA PRO B 319 -12.91 -1.79 -19.01
C PRO B 319 -11.59 -2.18 -18.40
N GLU B 320 -10.47 -1.69 -18.94
CA GLU B 320 -9.18 -1.95 -18.32
C GLU B 320 -9.11 -1.38 -16.92
N ILE B 321 -9.63 -0.16 -16.73
CA ILE B 321 -9.61 0.47 -15.42
C ILE B 321 -10.49 -0.30 -14.44
N LYS B 322 -11.66 -0.75 -14.91
CA LYS B 322 -12.53 -1.54 -14.05
C LYS B 322 -11.86 -2.86 -13.65
N ALA B 323 -11.18 -3.50 -14.60
CA ALA B 323 -10.44 -4.72 -14.28
C ALA B 323 -9.32 -4.44 -13.27
N GLY B 324 -8.67 -3.30 -13.39
CA GLY B 324 -7.63 -2.94 -12.43
C GLY B 324 -8.20 -2.71 -11.04
N ALA B 325 -9.35 -2.07 -10.96
CA ALA B 325 -10.01 -1.90 -9.66
C ALA B 325 -10.37 -3.25 -9.06
N LYS B 326 -10.88 -4.17 -9.88
CA LYS B 326 -11.18 -5.51 -9.40
C LYS B 326 -9.91 -6.20 -8.91
N ARG B 327 -8.81 -6.00 -9.63
CA ARG B 327 -7.56 -6.66 -9.25
C ARG B 327 -7.02 -6.13 -7.93
N LEU B 328 -7.11 -4.81 -7.71
CA LEU B 328 -6.76 -4.26 -6.40
C LEU B 328 -7.66 -4.83 -5.31
N SER B 329 -8.97 -4.93 -5.59
CA SER B 329 -9.88 -5.50 -4.61
C SER B 329 -9.47 -6.91 -4.25
N ASP B 330 -9.13 -7.72 -5.26
CA ASP B 330 -8.71 -9.09 -5.02
C ASP B 330 -7.42 -9.13 -4.19
N PHE B 331 -6.43 -8.33 -4.56
CA PHE B 331 -5.17 -8.31 -3.84
C PHE B 331 -5.38 -7.96 -2.38
N PHE B 332 -6.10 -6.86 -2.12
CA PHE B 332 -6.35 -6.45 -0.75
C PHE B 332 -7.11 -7.54 0.01
N SER B 333 -8.24 -7.99 -0.55
CA SER B 333 -9.12 -8.92 0.15
C SER B 333 -8.43 -10.22 0.48
N LYS B 334 -7.53 -10.68 -0.38
CA LYS B 334 -6.93 -11.99 -0.17
C LYS B 334 -5.57 -11.93 0.51
N GLN B 335 -4.95 -10.75 0.63
CA GLN B 335 -3.64 -10.69 1.28
C GLN B 335 -3.61 -9.80 2.50
N LEU B 336 -4.12 -8.57 2.42
CA LEU B 336 -4.04 -7.67 3.55
C LEU B 336 -5.18 -7.87 4.52
N LEU B 337 -6.08 -8.81 4.26
CA LEU B 337 -7.18 -9.09 5.17
C LEU B 337 -6.68 -9.54 6.53
N TRP B 338 -5.66 -10.40 6.55
CA TRP B 338 -5.13 -10.88 7.82
C TRP B 338 -4.45 -9.77 8.60
N VAL B 339 -3.75 -8.88 7.89
CA VAL B 339 -3.15 -7.71 8.52
C VAL B 339 -4.24 -6.84 9.14
N LEU B 340 -5.30 -6.59 8.38
CA LEU B 340 -6.41 -5.79 8.90
C LEU B 340 -7.05 -6.46 10.10
N MET B 341 -7.13 -7.79 10.08
CA MET B 341 -7.73 -8.50 11.21
C MET B 341 -6.87 -8.42 12.45
N VAL B 342 -5.54 -8.48 12.29
CA VAL B 342 -4.66 -8.26 13.44
C VAL B 342 -4.90 -6.88 14.01
N GLY B 343 -4.97 -5.88 13.14
CA GLY B 343 -5.22 -4.53 13.61
C GLY B 343 -6.55 -4.38 14.32
N VAL B 344 -7.60 -5.00 13.77
CA VAL B 344 -8.93 -4.95 14.38
C VAL B 344 -8.92 -5.62 15.75
N GLY B 345 -8.29 -6.79 15.84
CA GLY B 345 -8.21 -7.47 17.11
C GLY B 345 -7.47 -6.66 18.16
N VAL B 346 -6.41 -5.97 17.76
CA VAL B 346 -5.64 -5.18 18.71
C VAL B 346 -6.44 -3.96 19.16
N CYS B 347 -7.07 -3.26 18.23
CA CYS B 347 -7.63 -1.94 18.54
C CYS B 347 -9.12 -1.99 18.90
N TYR B 348 -9.94 -2.59 18.04
CA TYR B 348 -11.39 -2.46 18.14
C TYR B 348 -12.05 -3.65 18.82
N THR B 349 -11.29 -4.51 19.47
CA THR B 349 -11.82 -5.74 20.05
C THR B 349 -11.52 -5.77 21.54
N ASP B 350 -12.51 -6.18 22.35
CA ASP B 350 -12.37 -6.20 23.80
C ASP B 350 -13.08 -7.45 24.30
N LEU B 351 -12.28 -8.48 24.62
CA LEU B 351 -12.83 -9.80 24.89
C LEU B 351 -13.69 -9.83 26.15
N GLN B 352 -13.40 -8.95 27.12
CA GLN B 352 -14.18 -9.00 28.37
C GLN B 352 -15.65 -8.72 28.10
N GLU B 353 -15.97 -7.59 27.49
CA GLU B 353 -17.36 -7.28 27.17
C GLU B 353 -17.89 -8.16 26.06
N ILE B 354 -17.03 -8.60 25.13
CA ILE B 354 -17.52 -9.54 24.12
C ILE B 354 -18.05 -10.80 24.78
N ILE B 355 -17.25 -11.43 25.64
CA ILE B 355 -17.66 -12.65 26.32
C ILE B 355 -18.86 -12.39 27.21
N ASN B 356 -18.87 -11.24 27.90
CA ASN B 356 -20.04 -10.87 28.69
C ASN B 356 -21.28 -10.77 27.81
N ALA B 357 -21.11 -10.54 26.52
CA ALA B 357 -22.26 -10.39 25.63
C ALA B 357 -22.78 -11.70 25.04
N ILE B 358 -22.02 -12.79 25.10
CA ILE B 358 -22.58 -14.08 24.73
C ILE B 358 -23.48 -14.58 25.86
N THR B 359 -24.73 -14.85 25.51
CA THR B 359 -25.69 -15.42 26.45
C THR B 359 -26.75 -16.16 25.63
N PHE B 360 -27.59 -16.92 26.33
CA PHE B 360 -28.63 -17.69 25.65
C PHE B 360 -29.57 -16.77 24.87
N ALA B 361 -29.99 -15.67 25.49
CA ALA B 361 -30.93 -14.77 24.84
C ALA B 361 -30.31 -14.15 23.59
N ASN B 362 -29.08 -13.66 23.69
CA ASN B 362 -28.44 -13.04 22.54
C ASN B 362 -28.20 -14.06 21.42
N VAL B 363 -27.78 -15.26 21.77
CA VAL B 363 -27.55 -16.30 20.76
C VAL B 363 -28.84 -16.62 20.04
N VAL B 364 -29.93 -16.82 20.79
CA VAL B 364 -31.21 -17.15 20.17
C VAL B 364 -31.68 -16.00 19.28
N ILE B 365 -31.53 -14.77 19.75
CA ILE B 365 -31.98 -13.61 18.98
C ILE B 365 -31.21 -13.51 17.67
N ALA B 366 -29.90 -13.69 17.74
CA ALA B 366 -29.08 -13.63 16.52
C ALA B 366 -29.47 -14.74 15.54
N ALA B 367 -29.67 -15.95 16.05
CA ALA B 367 -30.05 -17.06 15.17
C ALA B 367 -31.40 -16.79 14.51
N ILE B 368 -32.37 -16.29 15.27
CA ILE B 368 -33.69 -16.01 14.72
C ILE B 368 -33.61 -14.88 13.69
N ILE B 369 -32.78 -13.88 13.95
CA ILE B 369 -32.64 -12.77 13.01
C ILE B 369 -32.04 -13.28 11.70
N VAL B 370 -31.02 -14.13 11.78
CA VAL B 370 -30.41 -14.66 10.56
C VAL B 370 -31.42 -15.52 9.80
N ILE B 371 -32.20 -16.34 10.53
CA ILE B 371 -33.22 -17.17 9.86
C ILE B 371 -34.25 -16.28 9.16
N GLY B 372 -34.69 -15.22 9.84
CA GLY B 372 -35.65 -14.32 9.22
C GLY B 372 -35.10 -13.63 7.99
N ALA B 373 -33.82 -13.22 8.04
CA ALA B 373 -33.19 -12.63 6.87
C ALA B 373 -33.14 -13.63 5.73
N VAL B 374 -32.80 -14.89 6.03
CA VAL B 374 -32.76 -15.92 4.99
C VAL B 374 -34.12 -16.09 4.35
N LEU B 375 -35.17 -16.18 5.18
CA LEU B 375 -36.52 -16.36 4.66
C LEU B 375 -36.94 -15.19 3.80
N GLY B 376 -36.70 -13.97 4.27
CA GLY B 376 -37.08 -12.80 3.50
C GLY B 376 -36.35 -12.70 2.17
N ALA B 377 -35.04 -12.98 2.18
CA ALA B 377 -34.28 -12.94 0.94
C ALA B 377 -34.74 -14.02 -0.02
N ALA B 378 -35.05 -15.21 0.48
CA ALA B 378 -35.53 -16.28 -0.39
C ALA B 378 -36.87 -15.91 -1.01
N ILE B 379 -37.78 -15.35 -0.22
CA ILE B 379 -39.07 -14.94 -0.76
C ILE B 379 -38.89 -13.85 -1.81
N GLY B 380 -38.04 -12.86 -1.53
CA GLY B 380 -37.80 -11.81 -2.51
C GLY B 380 -37.20 -12.33 -3.79
N GLY B 381 -36.25 -13.26 -3.68
CA GLY B 381 -35.64 -13.83 -4.87
C GLY B 381 -36.63 -14.64 -5.69
N TRP B 382 -37.49 -15.40 -5.02
CA TRP B 382 -38.49 -16.18 -5.74
C TRP B 382 -39.49 -15.26 -6.45
N LEU B 383 -39.89 -14.17 -5.78
CA LEU B 383 -40.79 -13.21 -6.43
C LEU B 383 -40.13 -12.54 -7.63
N MET B 384 -38.85 -12.17 -7.50
CA MET B 384 -38.17 -11.46 -8.59
C MET B 384 -37.57 -12.40 -9.62
N GLY B 385 -37.71 -13.70 -9.46
CA GLY B 385 -37.28 -14.65 -10.47
C GLY B 385 -35.98 -15.37 -10.17
N PHE B 386 -35.22 -14.93 -9.18
CA PHE B 386 -33.99 -15.62 -8.83
C PHE B 386 -34.29 -16.97 -8.18
N PHE B 387 -33.30 -17.84 -8.19
CA PHE B 387 -33.43 -19.11 -7.49
C PHE B 387 -33.53 -18.86 -5.99
N PRO B 388 -34.39 -19.58 -5.27
CA PRO B 388 -34.58 -19.28 -3.85
C PRO B 388 -33.34 -19.50 -3.00
N ILE B 389 -32.70 -20.66 -3.13
CA ILE B 389 -31.53 -20.96 -2.30
C ILE B 389 -30.38 -20.00 -2.63
N GLU B 390 -30.14 -19.78 -3.92
CA GLU B 390 -29.06 -18.88 -4.32
C GLU B 390 -29.32 -17.46 -3.84
N SER B 391 -30.57 -17.00 -3.95
CA SER B 391 -30.91 -15.67 -3.46
C SER B 391 -30.74 -15.57 -1.96
N ALA B 392 -31.14 -16.61 -1.22
CA ALA B 392 -31.00 -16.60 0.23
C ALA B 392 -29.53 -16.63 0.65
N ILE B 393 -28.67 -17.26 -0.14
CA ILE B 393 -27.24 -17.22 0.16
C ILE B 393 -26.67 -15.84 -0.16
N THR B 394 -27.02 -15.27 -1.32
CA THR B 394 -26.41 -14.02 -1.73
C THR B 394 -26.87 -12.85 -0.88
N ALA B 395 -28.18 -12.73 -0.65
CA ALA B 395 -28.73 -11.70 0.21
C ALA B 395 -29.28 -12.34 1.47
N GLY B 396 -29.29 -11.57 2.56
CA GLY B 396 -29.58 -12.16 3.85
C GLY B 396 -28.31 -12.76 4.42
N LEU B 397 -27.89 -13.90 3.87
CA LEU B 397 -26.54 -14.36 4.10
C LEU B 397 -25.57 -13.53 3.25
N CYS B 398 -24.31 -13.48 3.68
CA CYS B 398 -23.30 -12.61 3.08
C CYS B 398 -23.63 -11.14 3.31
N MET B 399 -24.77 -10.88 3.95
CA MET B 399 -25.12 -9.56 4.46
C MET B 399 -25.19 -9.52 5.97
N ALA B 400 -25.69 -10.57 6.61
CA ALA B 400 -25.60 -10.68 8.06
C ALA B 400 -24.17 -10.89 8.53
N ASN B 401 -23.28 -11.32 7.64
CA ASN B 401 -21.90 -11.59 7.99
C ASN B 401 -21.13 -10.28 8.24
N ARG B 402 -19.86 -10.44 8.57
CA ARG B 402 -18.91 -9.35 8.43
C ARG B 402 -18.60 -9.14 6.96
N GLY B 403 -18.86 -7.95 6.45
CA GLY B 403 -19.04 -7.76 5.02
C GLY B 403 -17.91 -8.31 4.17
N GLY B 404 -16.68 -8.21 4.65
CA GLY B 404 -15.53 -8.58 3.83
C GLY B 404 -15.07 -10.01 3.96
N SER B 405 -15.19 -10.59 5.15
CA SER B 405 -14.66 -11.93 5.39
C SER B 405 -15.76 -12.99 5.45
N GLY B 406 -16.90 -12.67 6.05
CA GLY B 406 -17.96 -13.64 6.17
C GLY B 406 -18.52 -14.07 4.83
N ASP B 407 -18.47 -13.19 3.82
CA ASP B 407 -18.90 -13.59 2.49
C ASP B 407 -18.01 -14.69 1.92
N LEU B 408 -16.69 -14.52 2.04
CA LEU B 408 -15.78 -15.57 1.60
C LEU B 408 -16.01 -16.85 2.40
N GLU B 409 -16.20 -16.72 3.72
CA GLU B 409 -16.40 -17.90 4.54
C GLU B 409 -17.68 -18.65 4.15
N VAL B 410 -18.76 -17.92 3.89
CA VAL B 410 -20.03 -18.55 3.52
C VAL B 410 -19.93 -19.21 2.16
N LEU B 411 -19.37 -18.49 1.17
CA LEU B 411 -19.24 -19.09 -0.15
C LEU B 411 -18.31 -20.30 -0.13
N SER B 412 -17.32 -20.31 0.78
CA SER B 412 -16.49 -21.51 0.92
C SER B 412 -17.26 -22.63 1.61
N ALA B 413 -18.10 -22.30 2.59
CA ALA B 413 -18.89 -23.33 3.26
C ALA B 413 -19.84 -24.00 2.28
N CYS B 414 -20.49 -23.22 1.44
CA CYS B 414 -21.24 -23.80 0.34
C CYS B 414 -20.27 -24.23 -0.77
N ASN B 415 -20.79 -24.98 -1.73
CA ASN B 415 -19.99 -25.36 -2.88
C ASN B 415 -19.97 -24.29 -3.96
N ARG B 416 -20.72 -23.21 -3.78
CA ARG B 416 -20.80 -22.13 -4.74
C ARG B 416 -19.73 -21.09 -4.42
N MET B 417 -18.98 -20.68 -5.43
CA MET B 417 -18.03 -19.58 -5.29
C MET B 417 -18.12 -18.58 -6.44
N ASN B 418 -18.74 -18.94 -7.56
CA ASN B 418 -18.91 -18.03 -8.67
C ASN B 418 -19.84 -16.87 -8.35
N LEU B 419 -20.58 -16.94 -7.25
CA LEU B 419 -21.45 -15.85 -6.81
C LEU B 419 -20.70 -14.84 -5.95
N ILE B 420 -19.37 -14.79 -6.04
CA ILE B 420 -18.61 -13.87 -5.21
C ILE B 420 -18.90 -12.42 -5.58
N SER B 421 -19.14 -12.14 -6.86
CA SER B 421 -19.49 -10.79 -7.26
C SER B 421 -20.83 -10.36 -6.65
N TYR B 422 -21.82 -11.26 -6.69
CA TYR B 422 -23.09 -10.97 -6.05
C TYR B 422 -22.93 -10.76 -4.56
N ALA B 423 -22.12 -11.61 -3.91
CA ALA B 423 -21.91 -11.46 -2.47
C ALA B 423 -21.24 -10.14 -2.13
N GLN B 424 -20.26 -9.73 -2.93
CA GLN B 424 -19.55 -8.48 -2.68
C GLN B 424 -20.48 -7.28 -2.87
N ILE B 425 -21.21 -7.24 -3.97
CA ILE B 425 -22.10 -6.12 -4.21
C ILE B 425 -23.20 -6.10 -3.15
N SER B 426 -23.67 -7.27 -2.73
CA SER B 426 -24.65 -7.32 -1.64
C SER B 426 -24.07 -6.73 -0.36
N SER B 427 -22.88 -7.19 0.04
CA SER B 427 -22.29 -6.68 1.27
C SER B 427 -22.16 -5.16 1.24
N ARG B 428 -21.55 -4.63 0.18
CA ARG B 428 -21.25 -3.20 0.17
C ARG B 428 -22.52 -2.36 0.01
N LEU B 429 -23.36 -2.66 -0.99
CA LEU B 429 -24.53 -1.85 -1.23
C LEU B 429 -25.54 -1.99 -0.09
N GLY B 430 -25.73 -3.20 0.43
CA GLY B 430 -26.56 -3.38 1.60
C GLY B 430 -26.00 -2.69 2.82
N GLY B 431 -24.67 -2.61 2.95
CA GLY B 431 -24.11 -1.83 4.03
C GLY B 431 -24.47 -0.37 3.94
N GLY B 432 -24.39 0.20 2.73
CA GLY B 432 -24.83 1.58 2.56
C GLY B 432 -26.31 1.76 2.88
N ILE B 433 -27.14 0.85 2.39
CA ILE B 433 -28.58 0.93 2.63
C ILE B 433 -28.87 0.81 4.12
N VAL B 434 -28.17 -0.09 4.81
CA VAL B 434 -28.36 -0.27 6.24
C VAL B 434 -27.90 0.97 7.00
N LEU B 435 -26.84 1.62 6.54
CA LEU B 435 -26.44 2.87 7.17
C LEU B 435 -27.53 3.92 7.06
N VAL B 436 -28.12 4.06 5.87
CA VAL B 436 -29.19 5.03 5.69
C VAL B 436 -30.39 4.67 6.57
N ILE B 437 -30.76 3.38 6.57
CA ILE B 437 -31.92 2.94 7.35
C ILE B 437 -31.68 3.14 8.84
N ALA B 438 -30.44 2.89 9.29
CA ALA B 438 -30.10 3.10 10.69
C ALA B 438 -30.21 4.57 11.06
N SER B 439 -29.75 5.47 10.19
CA SER B 439 -29.92 6.89 10.46
C SER B 439 -31.39 7.25 10.57
N ILE B 440 -32.21 6.71 9.66
CA ILE B 440 -33.64 7.00 9.67
C ILE B 440 -34.27 6.52 10.98
N VAL B 441 -33.96 5.29 11.39
CA VAL B 441 -34.60 4.75 12.58
C VAL B 441 -34.07 5.41 13.85
N PHE B 442 -32.80 5.82 13.86
CA PHE B 442 -32.29 6.57 15.00
C PHE B 442 -33.03 7.89 15.15
N GLY B 443 -33.23 8.60 14.02
CA GLY B 443 -34.02 9.82 14.08
C GLY B 443 -35.46 9.57 14.49
N MET B 444 -36.03 8.45 14.05
CA MET B 444 -37.41 8.13 14.39
C MET B 444 -37.57 7.88 15.88
N MET B 445 -36.72 7.01 16.45
CA MET B 445 -36.84 6.70 17.87
C MET B 445 -36.48 7.89 18.74
N ILE B 446 -35.39 8.59 18.42
CA ILE B 446 -35.00 9.77 19.16
C ILE B 446 -34.66 10.91 18.21
#